data_8YK3
#
_entry.id   8YK3
#
_cell.length_a   63.340
_cell.length_b   73.154
_cell.length_c   177.968
_cell.angle_alpha   90.000
_cell.angle_beta   91.380
_cell.angle_gamma   90.000
#
_symmetry.space_group_name_H-M   'P 1 21 1'
#
loop_
_entity.id
_entity.type
_entity.pdbx_description
1 polymer Alpha-galactosidase
2 non-polymer alpha-D-galactopyranose
3 non-polymer 1,2-ETHANEDIOL
4 non-polymer '2-(N-MORPHOLINO)-ETHANESULFONIC ACID'
#
_entity_poly.entity_id   1
_entity_poly.type   'polypeptide(L)'
_entity_poly.pdbx_seq_one_letter_code
;MASMTGGQQMGRDPNAGGDVVSVADYGAAADSGEDSAPAIIKAVDKAKELAAEGKNVTIAFPKGRYDIYPDKAERRTLYV
SNTVGTNSSYKDKKIGILLEDTKNITVDGQGSDFVFHGKMTTFAAINSRNVTFKNFSVDFQVPTVIDLTVEKVDAGAKTA
TVYVPEEYNYRLSGSNIEWYSDSSPYTGATYWTASNALPYVQLYDTKTGLTVRGDVWTNPIFQNVTGITDAGNHRLVFSY
SSMSDKLANATGISYQMRQTTRDHPGVFLWKDKDVTLKGIDFRFLHGFGVVGQSTDTITMDGLHFGTGEGTGRSTAGYAD
FVQMSGCKGVITVANSSFSNPHDDPINVHGTFLQVVEKISDTKIKVRYMHNETAGFPSFFVGDQVEFMTKGDMLPVSDSV
RTVTAVDGPDGQGGDMGAGSGSLTDIVLTLDSAIPSAVAVNSHVVENITYTPEVNIHDNVFKETPTRGILVTTRKKVTIE
NNLFDGMGMAGIYISNDAQSWYESGPTRDVTIRGNTFRRSGSDAILVEPTNPTVSTTDTVHKNMTIEGNTFYVNGNRVLN
AKSVSDLTFRDNKIYRENPDDTVTLGGDADVALAVGDTRRIDATASVSQVSGSRLFRLNGCKQVVFGGNTYDVGVKAGID
LANMGASEVNVSDDSAKVGADGLVPLEHHHHHH
;
_entity_poly.pdbx_strand_id   A,B
#
loop_
_chem_comp.id
_chem_comp.type
_chem_comp.name
_chem_comp.formula
EDO non-polymer 1,2-ETHANEDIOL 'C2 H6 O2'
GLA D-saccharide, alpha linking alpha-D-galactopyranose 'C6 H12 O6'
MES non-polymer '2-(N-MORPHOLINO)-ETHANESULFONIC ACID' 'C6 H13 N O4 S'
#
# COMPACT_ATOMS: atom_id res chain seq x y z
N GLY A 18 30.13 50.63 -5.40
CA GLY A 18 29.75 51.96 -5.85
C GLY A 18 28.47 52.56 -5.28
N ASP A 19 27.74 53.33 -6.10
CA ASP A 19 26.64 54.20 -5.73
C ASP A 19 25.27 53.50 -5.73
N VAL A 20 24.33 54.06 -4.95
CA VAL A 20 23.06 53.43 -4.58
C VAL A 20 21.92 54.42 -4.84
N VAL A 21 21.32 54.35 -6.06
CA VAL A 21 20.24 55.24 -6.47
C VAL A 21 18.91 54.73 -5.89
N SER A 22 18.02 55.64 -5.52
CA SER A 22 16.75 55.25 -4.92
C SER A 22 15.57 55.73 -5.75
N VAL A 23 14.58 54.86 -5.90
CA VAL A 23 13.42 55.22 -6.71
C VAL A 23 12.65 56.34 -6.06
N ALA A 24 12.84 56.53 -4.76
CA ALA A 24 12.03 57.45 -3.97
C ALA A 24 12.06 58.85 -4.52
N ASP A 25 13.22 59.25 -5.07
CA ASP A 25 13.51 60.63 -5.45
C ASP A 25 12.90 61.01 -6.79
N TYR A 26 12.36 60.04 -7.53
CA TYR A 26 11.86 60.29 -8.87
C TYR A 26 10.35 60.14 -8.97
N GLY A 27 9.66 59.95 -7.84
CA GLY A 27 8.21 59.81 -7.84
C GLY A 27 7.70 58.46 -7.37
N ALA A 28 8.55 57.52 -6.98
CA ALA A 28 8.06 56.28 -6.41
C ALA A 28 7.72 56.52 -4.94
N ALA A 29 6.43 56.60 -4.65
CA ALA A 29 5.95 56.87 -3.29
C ALA A 29 5.39 55.58 -2.69
N ALA A 30 6.20 54.90 -1.88
CA ALA A 30 5.80 53.62 -1.31
C ALA A 30 4.45 53.73 -0.62
N ASP A 31 3.48 52.96 -1.10
CA ASP A 31 2.14 52.87 -0.57
C ASP A 31 1.33 54.10 -0.96
N SER A 32 1.20 54.33 -2.28
CA SER A 32 0.54 55.51 -2.81
C SER A 32 -0.54 55.23 -3.84
N GLY A 33 -0.47 54.05 -4.48
CA GLY A 33 -1.30 53.76 -5.64
C GLY A 33 -1.07 54.70 -6.81
N GLU A 34 0.18 55.00 -7.11
CA GLU A 34 0.60 55.95 -8.14
C GLU A 34 1.37 55.20 -9.21
N ASP A 35 1.25 55.64 -10.45
CA ASP A 35 2.05 54.98 -11.48
C ASP A 35 3.51 55.19 -11.14
N SER A 36 4.17 54.14 -10.64
CA SER A 36 5.57 54.22 -10.30
C SER A 36 6.47 53.94 -11.49
N ALA A 37 5.91 53.72 -12.67
CA ALA A 37 6.69 53.29 -13.83
C ALA A 37 7.39 54.47 -14.50
N PRO A 38 6.82 55.67 -14.56
CA PRO A 38 7.62 56.78 -15.10
C PRO A 38 8.83 57.09 -14.23
N ALA A 39 8.69 56.94 -12.91
CA ALA A 39 9.80 57.19 -12.01
C ALA A 39 10.87 56.12 -12.16
N ILE A 40 10.44 54.85 -12.28
CA ILE A 40 11.38 53.76 -12.48
C ILE A 40 12.26 54.03 -13.69
N ILE A 41 11.62 54.39 -14.81
CA ILE A 41 12.31 54.63 -16.07
C ILE A 41 13.26 55.83 -15.97
N LYS A 42 12.95 56.78 -15.07
CA LYS A 42 13.89 57.87 -14.81
C LYS A 42 15.10 57.37 -14.02
N ALA A 43 14.86 56.52 -13.01
CA ALA A 43 15.93 56.06 -12.13
C ALA A 43 16.85 55.08 -12.83
N VAL A 44 16.32 54.29 -13.77
CA VAL A 44 17.12 53.32 -14.51
C VAL A 44 18.07 54.03 -15.48
N ASP A 45 17.69 55.20 -15.98
CA ASP A 45 18.64 56.01 -16.75
C ASP A 45 19.81 56.47 -15.89
N LYS A 46 19.52 57.11 -14.74
CA LYS A 46 20.55 57.43 -13.75
C LYS A 46 21.46 56.23 -13.50
N ALA A 47 20.84 55.08 -13.24
CA ALA A 47 21.58 53.87 -12.92
C ALA A 47 22.51 53.45 -14.04
N LYS A 48 22.13 53.70 -15.30
CA LYS A 48 23.00 53.37 -16.42
C LYS A 48 24.19 54.31 -16.48
N GLU A 49 23.99 55.62 -16.18
CA GLU A 49 25.06 56.59 -16.29
C GLU A 49 26.23 56.25 -15.39
N LEU A 50 25.94 55.90 -14.13
CA LEU A 50 27.01 55.61 -13.20
C LEU A 50 27.70 54.30 -13.55
N ALA A 51 26.90 53.24 -13.77
CA ALA A 51 27.41 51.98 -14.27
C ALA A 51 28.31 52.17 -15.47
N ALA A 52 27.89 53.01 -16.41
CA ALA A 52 28.71 53.27 -17.59
C ALA A 52 29.93 54.11 -17.28
N GLU A 53 29.91 54.87 -16.19
CA GLU A 53 31.15 55.48 -15.73
C GLU A 53 32.10 54.42 -15.20
N GLY A 54 31.55 53.33 -14.61
CA GLY A 54 32.30 52.22 -14.05
C GLY A 54 31.73 51.68 -12.75
N LYS A 55 30.70 52.36 -12.21
CA LYS A 55 30.23 52.14 -10.84
C LYS A 55 29.52 50.81 -10.74
N ASN A 56 28.96 50.58 -9.54
CA ASN A 56 28.15 49.40 -9.25
C ASN A 56 26.82 49.88 -8.65
N VAL A 57 25.99 50.49 -9.51
CA VAL A 57 24.69 50.99 -9.09
C VAL A 57 23.86 49.90 -8.46
N THR A 58 23.08 50.26 -7.45
CA THR A 58 22.18 49.34 -6.75
C THR A 58 20.84 50.04 -6.64
N ILE A 59 19.99 49.90 -7.66
CA ILE A 59 18.68 50.53 -7.60
C ILE A 59 17.88 49.93 -6.45
N ALA A 60 17.48 50.79 -5.51
CA ALA A 60 16.84 50.31 -4.29
C ALA A 60 15.43 50.88 -4.19
N PHE A 61 14.53 50.07 -3.66
CA PHE A 61 13.13 50.44 -3.52
C PHE A 61 12.81 50.54 -2.03
N PRO A 62 12.69 51.76 -1.45
CA PRO A 62 12.16 51.90 -0.09
C PRO A 62 10.91 51.05 0.17
N LYS A 63 10.95 50.24 1.22
CA LYS A 63 10.08 49.08 1.35
C LYS A 63 8.60 49.44 1.49
N GLY A 64 7.75 48.66 0.82
CA GLY A 64 6.32 48.86 0.81
C GLY A 64 5.75 48.56 -0.56
N ARG A 65 4.47 48.88 -0.75
CA ARG A 65 3.78 48.57 -2.00
C ARG A 65 4.20 49.55 -3.09
N TYR A 66 4.02 49.13 -4.35
CA TYR A 66 4.29 49.97 -5.51
C TYR A 66 3.39 49.54 -6.66
N ASP A 67 2.76 50.51 -7.33
CA ASP A 67 1.87 50.25 -8.48
C ASP A 67 2.57 50.64 -9.77
N ILE A 68 2.53 49.74 -10.77
CA ILE A 68 3.24 49.90 -12.04
C ILE A 68 2.24 49.68 -13.18
N TYR A 69 1.88 50.74 -13.91
CA TYR A 69 0.90 50.61 -14.97
C TYR A 69 1.56 50.62 -16.34
N PRO A 70 0.96 49.96 -17.34
CA PRO A 70 1.64 49.80 -18.64
C PRO A 70 1.64 51.04 -19.52
N ASP A 71 0.71 51.97 -19.29
CA ASP A 71 0.54 53.18 -20.11
C ASP A 71 1.85 53.81 -20.52
N LYS A 72 2.61 54.24 -19.53
CA LYS A 72 3.86 54.95 -19.76
C LYS A 72 5.08 54.04 -19.55
N ALA A 73 4.92 52.72 -19.69
CA ALA A 73 6.04 51.82 -19.52
C ALA A 73 6.79 51.69 -20.86
N GLU A 74 7.97 51.08 -20.83
CA GLU A 74 8.74 50.94 -22.07
C GLU A 74 8.09 49.94 -23.02
N ARG A 75 8.07 50.27 -24.33
CA ARG A 75 7.46 49.42 -25.37
C ARG A 75 8.51 48.94 -26.35
N ARG A 76 8.67 47.62 -26.48
CA ARG A 76 9.73 47.06 -27.32
C ARG A 76 9.14 45.99 -28.24
N THR A 77 9.67 45.89 -29.45
CA THR A 77 9.28 44.82 -30.36
C THR A 77 10.09 43.57 -30.06
N LEU A 78 9.41 42.45 -29.86
CA LEU A 78 10.04 41.29 -29.25
C LEU A 78 9.42 39.98 -29.75
N TYR A 79 10.23 39.15 -30.41
CA TYR A 79 9.88 37.77 -30.69
C TYR A 79 10.57 36.89 -29.67
N VAL A 80 9.76 36.24 -28.83
CA VAL A 80 10.22 35.46 -27.67
C VAL A 80 9.98 33.98 -27.91
N SER A 81 10.81 33.13 -27.30
CA SER A 81 10.65 31.69 -27.48
C SER A 81 9.38 31.20 -26.81
N ASN A 82 8.64 30.33 -27.49
CA ASN A 82 7.54 29.57 -26.88
C ASN A 82 6.39 30.48 -26.42
N THR A 83 6.19 31.61 -27.12
CA THR A 83 5.03 32.46 -26.90
C THR A 83 4.23 32.49 -28.19
N VAL A 84 4.29 33.57 -28.97
CA VAL A 84 3.32 33.73 -30.04
C VAL A 84 4.00 33.94 -31.39
N GLY A 85 5.30 33.67 -31.47
CA GLY A 85 6.01 33.64 -32.73
C GLY A 85 5.73 34.82 -33.58
N THR A 86 5.49 34.62 -34.87
CA THR A 86 5.40 35.70 -35.84
C THR A 86 4.04 36.33 -35.90
N ASN A 87 3.36 36.46 -34.77
CA ASN A 87 2.06 37.11 -34.80
C ASN A 87 2.25 38.62 -34.73
N SER A 88 1.61 39.34 -35.64
CA SER A 88 1.82 40.77 -35.75
C SER A 88 0.95 41.57 -34.81
N SER A 89 -0.16 40.99 -34.36
CA SER A 89 -0.93 41.61 -33.29
C SER A 89 -0.09 41.75 -32.03
N TYR A 90 0.69 40.71 -31.69
CA TYR A 90 1.34 40.63 -30.39
C TYR A 90 2.85 40.79 -30.49
N LYS A 91 3.30 41.71 -31.33
CA LYS A 91 4.73 41.91 -31.48
C LYS A 91 5.29 42.83 -30.40
N ASP A 92 4.75 44.04 -30.28
CA ASP A 92 5.29 45.05 -29.35
C ASP A 92 4.80 44.78 -27.92
N LYS A 93 5.73 44.35 -27.05
CA LYS A 93 5.47 44.03 -25.66
C LYS A 93 5.76 45.25 -24.77
N LYS A 94 5.63 45.09 -23.46
CA LYS A 94 5.60 46.24 -22.56
C LYS A 94 6.27 45.84 -21.25
N ILE A 95 7.54 46.18 -21.09
CA ILE A 95 8.29 45.90 -19.87
C ILE A 95 7.98 46.96 -18.81
N GLY A 96 7.98 46.57 -17.53
CA GLY A 96 7.70 47.52 -16.47
C GLY A 96 8.94 48.02 -15.74
N ILE A 97 9.94 47.14 -15.63
CA ILE A 97 11.28 47.42 -15.12
C ILE A 97 12.33 46.87 -16.09
N LEU A 98 12.88 47.72 -16.96
CA LEU A 98 13.66 47.27 -18.10
C LEU A 98 15.12 47.71 -17.98
N LEU A 99 16.03 46.73 -17.93
CA LEU A 99 17.48 46.97 -17.89
C LEU A 99 18.09 46.62 -19.25
N GLU A 100 17.81 47.45 -20.24
CA GLU A 100 18.39 47.31 -21.56
C GLU A 100 19.83 47.76 -21.53
N ASP A 101 20.64 47.18 -22.42
CA ASP A 101 22.07 47.46 -22.59
C ASP A 101 22.77 48.19 -21.45
N THR A 102 23.21 47.49 -20.41
CA THR A 102 23.93 48.10 -19.28
C THR A 102 24.74 47.02 -18.59
N LYS A 103 25.30 47.37 -17.42
CA LYS A 103 26.13 46.43 -16.66
C LYS A 103 26.10 46.76 -15.18
N ASN A 104 26.49 45.79 -14.36
CA ASN A 104 26.78 45.97 -12.93
C ASN A 104 25.64 46.60 -12.14
N ILE A 105 24.38 46.51 -12.61
CA ILE A 105 23.20 47.00 -11.89
C ILE A 105 22.54 45.88 -11.12
N THR A 106 22.07 46.19 -9.91
CA THR A 106 21.43 45.20 -9.03
C THR A 106 20.14 45.80 -8.48
N VAL A 107 19.00 45.35 -8.99
CA VAL A 107 17.70 45.90 -8.59
C VAL A 107 17.26 45.22 -7.30
N ASP A 108 17.09 46.01 -6.25
CA ASP A 108 16.75 45.48 -4.92
C ASP A 108 15.47 46.14 -4.46
N GLY A 109 14.41 45.37 -4.37
CA GLY A 109 13.16 45.94 -3.91
C GLY A 109 13.02 45.97 -2.43
N GLN A 110 13.99 45.39 -1.72
CA GLN A 110 13.99 45.34 -0.27
C GLN A 110 12.69 44.81 0.30
N GLY A 111 12.16 43.78 -0.34
CA GLY A 111 10.98 43.15 0.19
C GLY A 111 9.68 43.82 -0.18
N SER A 112 9.74 44.90 -0.96
CA SER A 112 8.54 45.54 -1.46
C SER A 112 7.68 44.56 -2.27
N ASP A 113 6.38 44.86 -2.33
CA ASP A 113 5.43 44.11 -3.13
C ASP A 113 5.11 44.93 -4.36
N PHE A 114 5.67 44.56 -5.50
CA PHE A 114 5.26 45.16 -6.76
C PHE A 114 3.93 44.56 -7.18
N VAL A 115 3.04 45.41 -7.68
CA VAL A 115 1.80 44.97 -8.27
C VAL A 115 1.65 45.67 -9.60
N PHE A 116 1.57 44.89 -10.68
CA PHE A 116 1.46 45.43 -12.02
C PHE A 116 0.00 45.50 -12.45
N HIS A 117 -0.25 46.09 -13.62
CA HIS A 117 -1.61 46.32 -14.09
C HIS A 117 -1.69 46.06 -15.58
N GLY A 118 -2.89 45.71 -16.03
CA GLY A 118 -3.13 45.50 -17.46
C GLY A 118 -2.53 44.18 -17.94
N LYS A 119 -1.87 44.23 -19.08
CA LYS A 119 -1.12 43.09 -19.61
C LYS A 119 0.25 43.62 -20.01
N MET A 120 1.30 43.17 -19.31
CA MET A 120 2.65 43.68 -19.53
C MET A 120 3.66 42.66 -19.05
N THR A 121 4.92 42.85 -19.48
CA THR A 121 6.05 42.09 -18.94
C THR A 121 6.50 42.74 -17.65
N THR A 122 6.64 41.94 -16.58
CA THR A 122 6.84 42.56 -15.28
C THR A 122 8.24 43.13 -15.14
N PHE A 123 9.27 42.42 -15.63
CA PHE A 123 10.58 43.04 -15.75
C PHE A 123 11.38 42.34 -16.83
N ALA A 124 12.35 43.05 -17.40
CA ALA A 124 13.16 42.46 -18.44
C ALA A 124 14.60 42.92 -18.30
N ALA A 125 15.48 42.21 -19.02
CA ALA A 125 16.88 42.59 -19.17
C ALA A 125 17.35 42.12 -20.54
N ILE A 126 17.92 43.03 -21.33
CA ILE A 126 18.33 42.78 -22.70
C ILE A 126 19.73 43.36 -22.86
N ASN A 127 20.53 42.77 -23.73
CA ASN A 127 21.89 43.27 -23.95
C ASN A 127 22.61 43.72 -22.68
N SER A 128 22.38 43.04 -21.55
CA SER A 128 23.01 43.36 -20.27
C SER A 128 24.04 42.30 -19.87
N ARG A 129 24.94 42.69 -18.96
CA ARG A 129 25.91 41.76 -18.40
C ARG A 129 26.07 42.05 -16.91
N ASN A 130 25.97 41.00 -16.10
CA ASN A 130 26.04 41.09 -14.65
C ASN A 130 25.01 42.05 -14.07
N VAL A 131 23.72 41.75 -14.26
CA VAL A 131 22.68 42.45 -13.53
C VAL A 131 21.97 41.44 -12.64
N THR A 132 21.32 41.93 -11.60
CA THR A 132 20.70 41.07 -10.61
C THR A 132 19.38 41.68 -10.19
N PHE A 133 18.36 40.83 -10.00
CA PHE A 133 17.08 41.20 -9.41
C PHE A 133 16.90 40.39 -8.14
N LYS A 134 16.62 41.07 -7.01
CA LYS A 134 16.56 40.41 -5.71
C LYS A 134 15.44 41.01 -4.86
N ASN A 135 14.84 40.16 -4.02
CA ASN A 135 14.09 40.54 -2.81
C ASN A 135 12.89 41.46 -3.09
N PHE A 136 11.91 40.95 -3.82
CA PHE A 136 10.65 41.68 -3.92
C PHE A 136 9.56 40.71 -4.35
N SER A 137 8.32 41.22 -4.37
CA SER A 137 7.16 40.43 -4.74
C SER A 137 6.69 40.83 -6.13
N VAL A 138 5.86 39.98 -6.74
CA VAL A 138 5.30 40.26 -8.06
C VAL A 138 3.86 39.76 -8.09
N ASP A 139 2.93 40.65 -8.44
CA ASP A 139 1.52 40.31 -8.51
C ASP A 139 0.83 41.26 -9.49
N PHE A 140 -0.45 40.96 -9.81
CA PHE A 140 -1.27 41.77 -10.71
C PHE A 140 -2.59 42.16 -10.04
N GLN A 141 -3.09 43.35 -10.35
CA GLN A 141 -4.22 43.94 -9.61
C GLN A 141 -5.54 43.23 -9.90
N VAL A 142 -5.77 42.86 -11.16
CA VAL A 142 -6.83 41.91 -11.52
C VAL A 142 -6.18 40.78 -12.34
N PRO A 143 -6.04 39.56 -11.79
CA PRO A 143 -5.34 38.50 -12.53
C PRO A 143 -6.05 38.14 -13.82
N THR A 144 -5.26 37.82 -14.85
CA THR A 144 -5.80 37.50 -16.17
C THR A 144 -6.26 36.04 -16.31
N VAL A 145 -6.30 35.31 -15.20
CA VAL A 145 -6.72 33.92 -15.14
C VAL A 145 -7.77 33.82 -14.04
N ILE A 146 -9.05 33.70 -14.43
CA ILE A 146 -10.16 33.78 -13.47
C ILE A 146 -10.41 32.39 -12.87
N ASP A 147 -10.17 32.24 -11.57
CA ASP A 147 -10.29 30.95 -10.90
C ASP A 147 -11.53 30.96 -10.03
N LEU A 148 -12.59 30.28 -10.47
CA LEU A 148 -13.83 30.18 -9.70
C LEU A 148 -13.93 28.81 -9.05
N THR A 149 -14.12 28.78 -7.73
CA THR A 149 -14.36 27.53 -6.99
C THR A 149 -15.85 27.28 -6.85
N VAL A 150 -16.26 26.02 -6.99
CA VAL A 150 -17.66 25.62 -6.83
C VAL A 150 -17.83 25.08 -5.42
N GLU A 151 -18.53 25.83 -4.57
CA GLU A 151 -18.56 25.53 -3.13
C GLU A 151 -19.56 24.43 -2.82
N LYS A 152 -20.82 24.59 -3.23
CA LYS A 152 -21.81 23.53 -3.16
C LYS A 152 -22.53 23.44 -4.49
N VAL A 153 -23.39 22.43 -4.61
CA VAL A 153 -24.32 22.33 -5.72
C VAL A 153 -25.53 21.57 -5.20
N ASP A 154 -26.67 21.81 -5.82
CA ASP A 154 -27.87 21.06 -5.51
C ASP A 154 -28.52 20.57 -6.78
N ALA A 155 -28.72 19.25 -6.86
CA ALA A 155 -29.34 18.65 -8.03
C ALA A 155 -30.85 18.85 -8.07
N GLY A 156 -31.45 19.38 -7.00
CA GLY A 156 -32.89 19.53 -6.92
C GLY A 156 -33.47 20.52 -7.90
N ALA A 157 -33.68 21.77 -7.45
CA ALA A 157 -34.08 22.81 -8.38
C ALA A 157 -32.98 23.19 -9.36
N LYS A 158 -31.85 22.48 -9.33
CA LYS A 158 -30.75 22.63 -10.27
C LYS A 158 -30.10 23.99 -10.13
N THR A 159 -29.45 24.20 -8.99
CA THR A 159 -28.69 25.41 -8.75
C THR A 159 -27.26 25.03 -8.40
N ALA A 160 -26.42 26.05 -8.23
CA ALA A 160 -25.03 25.84 -7.84
C ALA A 160 -24.58 27.02 -6.99
N THR A 161 -23.42 26.87 -6.38
CA THR A 161 -22.75 27.98 -5.70
C THR A 161 -21.35 28.13 -6.27
N VAL A 162 -20.89 29.37 -6.41
CA VAL A 162 -19.60 29.65 -7.02
C VAL A 162 -18.89 30.73 -6.21
N TYR A 163 -17.72 30.41 -5.67
CA TYR A 163 -16.88 31.40 -5.02
C TYR A 163 -15.97 32.02 -6.08
N VAL A 164 -16.03 33.33 -6.21
CA VAL A 164 -15.17 34.10 -7.11
C VAL A 164 -14.36 35.06 -6.27
N PRO A 165 -13.03 34.95 -6.26
CA PRO A 165 -12.21 35.71 -5.29
C PRO A 165 -12.36 37.23 -5.43
N GLU A 166 -11.94 37.96 -4.37
CA GLU A 166 -12.08 39.41 -4.38
C GLU A 166 -11.35 40.03 -5.54
N GLU A 167 -10.23 39.40 -5.98
CA GLU A 167 -9.34 40.01 -6.96
C GLU A 167 -10.05 40.25 -8.28
N TYR A 168 -11.06 39.44 -8.57
CA TYR A 168 -11.80 39.52 -9.82
C TYR A 168 -12.97 40.48 -9.64
N ASN A 169 -13.12 41.39 -10.59
CA ASN A 169 -14.24 42.31 -10.62
C ASN A 169 -15.23 41.81 -11.67
N TYR A 170 -16.53 41.96 -11.40
CA TYR A 170 -17.53 41.41 -12.30
C TYR A 170 -18.82 42.24 -12.23
N ARG A 171 -19.76 41.93 -13.12
CA ARG A 171 -21.06 42.58 -13.17
C ARG A 171 -22.04 41.66 -13.90
N LEU A 172 -23.22 41.43 -13.30
CA LEU A 172 -24.19 40.48 -13.81
C LEU A 172 -25.31 41.18 -14.57
N SER A 173 -25.84 40.49 -15.58
CA SER A 173 -27.02 40.94 -16.32
C SER A 173 -27.90 39.71 -16.56
N GLY A 174 -28.35 39.12 -15.45
CA GLY A 174 -29.30 38.03 -15.46
C GLY A 174 -28.74 36.68 -15.87
N SER A 175 -28.84 36.37 -17.15
CA SER A 175 -28.35 35.08 -17.62
C SER A 175 -26.86 35.10 -17.89
N ASN A 176 -26.27 36.28 -18.07
CA ASN A 176 -24.87 36.42 -18.47
C ASN A 176 -24.10 37.14 -17.38
N ILE A 177 -22.78 36.94 -17.39
CA ILE A 177 -21.87 37.58 -16.45
C ILE A 177 -20.78 38.28 -17.26
N GLU A 178 -20.28 39.41 -16.76
CA GLU A 178 -19.17 40.15 -17.37
C GLU A 178 -18.04 40.40 -16.39
N TRP A 179 -16.83 40.03 -16.79
CA TRP A 179 -15.63 40.40 -16.05
C TRP A 179 -14.91 41.56 -16.74
N TYR A 180 -14.16 42.33 -15.93
CA TYR A 180 -13.38 43.46 -16.40
C TYR A 180 -12.21 43.67 -15.45
N SER A 181 -11.42 44.69 -15.74
CA SER A 181 -10.24 45.03 -14.97
C SER A 181 -10.40 46.42 -14.38
N ASP A 182 -9.42 46.82 -13.57
CA ASP A 182 -9.40 48.22 -13.10
C ASP A 182 -9.21 49.15 -14.30
N SER A 183 -9.20 50.45 -14.08
CA SER A 183 -9.11 51.37 -15.21
C SER A 183 -7.72 51.99 -15.32
N SER A 184 -7.51 52.69 -16.43
CA SER A 184 -6.23 53.33 -16.72
C SER A 184 -6.24 54.75 -16.16
N PRO A 185 -5.41 55.07 -15.17
CA PRO A 185 -5.48 56.40 -14.55
C PRO A 185 -5.12 57.55 -15.47
N TYR A 186 -4.70 57.26 -16.70
CA TYR A 186 -4.37 58.30 -17.67
C TYR A 186 -5.51 58.59 -18.63
N THR A 187 -6.40 57.60 -18.85
CA THR A 187 -7.53 57.73 -19.75
C THR A 187 -8.86 57.46 -19.09
N GLY A 188 -8.87 56.85 -17.92
CA GLY A 188 -10.12 56.40 -17.33
C GLY A 188 -10.70 55.19 -18.02
N ALA A 189 -9.86 54.43 -18.71
CA ALA A 189 -10.32 53.36 -19.57
C ALA A 189 -9.91 52.00 -19.00
N THR A 190 -10.64 50.97 -19.41
CA THR A 190 -10.54 49.64 -18.81
C THR A 190 -9.62 48.74 -19.63
N TYR A 191 -8.77 47.98 -18.93
CA TYR A 191 -7.62 47.29 -19.54
C TYR A 191 -7.98 45.98 -20.25
N TRP A 192 -8.92 45.19 -19.73
CA TRP A 192 -9.38 43.99 -20.45
C TRP A 192 -10.79 43.65 -20.02
N THR A 193 -11.67 43.39 -20.99
CA THR A 193 -13.04 42.98 -20.73
C THR A 193 -13.21 41.54 -21.18
N ALA A 194 -14.20 40.85 -20.60
CA ALA A 194 -14.39 39.43 -20.91
C ALA A 194 -15.71 38.96 -20.34
N SER A 195 -16.13 37.77 -20.78
CA SER A 195 -17.48 37.28 -20.57
C SER A 195 -17.46 35.78 -20.27
N ASN A 196 -18.48 35.32 -19.54
CA ASN A 196 -18.80 33.92 -19.23
C ASN A 196 -17.62 32.94 -19.28
N ALA A 197 -17.68 31.91 -20.10
CA ALA A 197 -16.59 30.94 -20.12
C ALA A 197 -15.40 31.46 -20.91
N LEU A 198 -14.19 31.36 -20.31
CA LEU A 198 -12.96 31.65 -21.02
C LEU A 198 -12.51 30.43 -21.82
N PRO A 199 -11.80 30.62 -22.95
CA PRO A 199 -11.59 29.50 -23.89
C PRO A 199 -11.11 28.21 -23.25
N TYR A 200 -10.14 28.28 -22.36
CA TYR A 200 -9.45 27.13 -21.83
C TYR A 200 -9.66 27.10 -20.32
N VAL A 201 -9.75 25.91 -19.73
CA VAL A 201 -10.03 25.82 -18.30
C VAL A 201 -9.37 24.58 -17.73
N GLN A 202 -9.04 24.66 -16.44
CA GLN A 202 -8.24 23.66 -15.72
C GLN A 202 -8.85 23.49 -14.34
N LEU A 203 -8.50 22.38 -13.68
CA LEU A 203 -9.17 22.00 -12.44
C LEU A 203 -8.17 21.55 -11.37
N TYR A 204 -8.33 22.12 -10.17
CA TYR A 204 -7.57 21.77 -8.97
C TYR A 204 -8.58 21.56 -7.85
N ASP A 205 -8.54 20.38 -7.21
CA ASP A 205 -9.50 20.00 -6.18
C ASP A 205 -9.03 20.57 -4.85
N THR A 206 -9.71 21.59 -4.35
CA THR A 206 -9.25 22.26 -3.14
C THR A 206 -9.21 21.30 -1.94
N LYS A 207 -10.16 20.37 -1.87
CA LYS A 207 -10.19 19.40 -0.77
C LYS A 207 -9.07 18.38 -0.93
N THR A 208 -9.24 17.42 -1.85
CA THR A 208 -8.25 16.36 -1.99
C THR A 208 -6.89 16.88 -2.42
N GLY A 209 -6.80 18.14 -2.84
CA GLY A 209 -5.52 18.74 -3.18
C GLY A 209 -4.81 18.05 -4.33
N LEU A 210 -5.49 17.84 -5.45
CA LEU A 210 -4.84 17.20 -6.58
C LEU A 210 -5.39 17.82 -7.86
N THR A 211 -4.51 17.98 -8.84
CA THR A 211 -4.82 18.71 -10.07
C THR A 211 -5.18 17.72 -11.17
N VAL A 212 -6.44 17.30 -11.18
CA VAL A 212 -6.94 16.40 -12.23
C VAL A 212 -7.58 17.27 -13.30
N ARG A 213 -6.80 17.61 -14.32
CA ARG A 213 -7.27 18.29 -15.53
C ARG A 213 -8.48 17.57 -16.12
N GLY A 214 -9.32 18.30 -16.87
CA GLY A 214 -10.47 17.72 -17.54
C GLY A 214 -10.76 18.52 -18.79
N ASP A 215 -11.65 17.96 -19.63
CA ASP A 215 -11.92 18.49 -20.97
C ASP A 215 -11.87 20.02 -21.00
N VAL A 216 -10.73 20.57 -21.43
CA VAL A 216 -10.40 21.98 -21.24
C VAL A 216 -11.19 22.87 -22.19
N TRP A 217 -12.19 22.30 -22.87
CA TRP A 217 -13.05 23.08 -23.75
C TRP A 217 -14.50 23.08 -23.28
N THR A 218 -14.80 22.39 -22.17
CA THR A 218 -16.15 22.36 -21.62
C THR A 218 -16.10 22.73 -20.14
N ASN A 219 -16.70 23.87 -19.81
CA ASN A 219 -16.73 24.37 -18.43
C ASN A 219 -18.12 24.22 -17.84
N PRO A 220 -18.35 23.25 -16.94
CA PRO A 220 -19.73 22.94 -16.53
C PRO A 220 -20.41 24.06 -15.76
N ILE A 221 -19.66 25.03 -15.22
CA ILE A 221 -20.27 26.22 -14.62
C ILE A 221 -21.07 26.97 -15.66
N PHE A 222 -20.52 27.08 -16.87
CA PHE A 222 -21.11 27.84 -17.97
C PHE A 222 -21.62 26.85 -19.01
N GLN A 223 -22.83 26.36 -18.78
CA GLN A 223 -23.54 25.48 -19.72
C GLN A 223 -24.92 26.03 -20.02
N ASN A 224 -25.95 25.27 -19.68
CA ASN A 224 -27.32 25.81 -19.72
C ASN A 224 -27.51 26.57 -18.41
N VAL A 225 -27.17 27.86 -18.42
CA VAL A 225 -27.31 28.70 -17.25
C VAL A 225 -28.53 29.58 -17.45
N THR A 226 -29.60 29.30 -16.70
CA THR A 226 -30.82 30.07 -16.87
C THR A 226 -30.78 31.40 -16.13
N GLY A 227 -29.88 31.56 -15.17
CA GLY A 227 -29.86 32.80 -14.45
C GLY A 227 -28.88 32.87 -13.30
N ILE A 228 -28.23 34.01 -13.14
CA ILE A 228 -27.15 34.20 -12.18
C ILE A 228 -27.59 35.26 -11.19
N THR A 229 -27.52 34.91 -9.90
CA THR A 229 -27.91 35.80 -8.82
C THR A 229 -26.79 35.86 -7.78
N ASP A 230 -26.65 37.02 -7.16
CA ASP A 230 -25.59 37.28 -6.19
C ASP A 230 -26.07 36.96 -4.78
N ALA A 231 -25.46 35.96 -4.16
CA ALA A 231 -25.73 35.59 -2.78
C ALA A 231 -24.92 36.40 -1.78
N GLY A 232 -24.34 37.52 -2.20
CA GLY A 232 -23.51 38.34 -1.32
C GLY A 232 -22.21 37.66 -0.96
N ASN A 233 -21.43 38.34 -0.12
CA ASN A 233 -20.21 37.79 0.47
C ASN A 233 -19.36 37.08 -0.57
N HIS A 234 -19.28 37.63 -1.78
CA HIS A 234 -18.54 37.09 -2.91
C HIS A 234 -19.13 35.81 -3.51
N ARG A 235 -20.32 35.36 -3.12
CA ARG A 235 -20.81 34.10 -3.68
C ARG A 235 -21.70 34.35 -4.89
N LEU A 236 -22.16 33.27 -5.50
CA LEU A 236 -22.98 33.35 -6.69
C LEU A 236 -23.87 32.11 -6.79
N VAL A 237 -25.14 32.33 -7.15
CA VAL A 237 -26.12 31.27 -7.28
C VAL A 237 -26.46 31.13 -8.75
N PHE A 238 -26.07 30.03 -9.36
CA PHE A 238 -26.27 29.79 -10.78
C PHE A 238 -27.46 28.85 -10.97
N SER A 239 -28.45 29.31 -11.74
CA SER A 239 -29.60 28.50 -12.10
C SER A 239 -29.28 27.68 -13.34
N TYR A 240 -29.92 26.53 -13.46
CA TYR A 240 -29.58 25.63 -14.54
C TYR A 240 -30.82 24.96 -15.13
N SER A 241 -30.73 24.65 -16.43
CA SER A 241 -31.70 23.81 -17.12
C SER A 241 -31.42 22.36 -16.76
N SER A 242 -30.67 21.65 -17.60
CA SER A 242 -30.15 20.33 -17.23
C SER A 242 -29.06 20.45 -16.17
N MET A 243 -28.21 19.43 -16.07
CA MET A 243 -27.05 19.41 -15.17
C MET A 243 -26.39 18.06 -15.18
N SER A 244 -25.28 17.91 -15.90
CA SER A 244 -24.76 16.60 -16.24
C SER A 244 -23.91 16.03 -15.11
N ASP A 245 -23.42 14.80 -15.33
CA ASP A 245 -22.58 14.10 -14.34
C ASP A 245 -21.50 15.00 -13.77
N LYS A 246 -20.84 15.80 -14.62
CA LYS A 246 -19.72 16.62 -14.17
C LYS A 246 -20.19 17.69 -13.18
N LEU A 247 -21.16 18.51 -13.59
CA LEU A 247 -21.59 19.64 -12.76
C LEU A 247 -22.10 19.20 -11.39
N ALA A 248 -22.50 17.94 -11.24
CA ALA A 248 -22.98 17.48 -9.94
C ALA A 248 -21.82 17.17 -9.01
N ASN A 249 -20.89 16.33 -9.46
CA ASN A 249 -19.72 15.99 -8.67
C ASN A 249 -18.79 17.18 -8.45
N ALA A 250 -19.10 18.34 -9.05
CA ALA A 250 -18.20 19.48 -9.14
C ALA A 250 -17.84 20.08 -7.80
N THR A 251 -18.40 19.61 -6.70
CA THR A 251 -18.24 20.31 -5.43
C THR A 251 -16.77 20.44 -5.07
N GLY A 252 -16.30 21.66 -4.87
CA GLY A 252 -14.95 21.89 -4.38
C GLY A 252 -13.84 21.90 -5.40
N ILE A 253 -14.12 22.26 -6.65
CA ILE A 253 -13.13 22.25 -7.73
C ILE A 253 -12.90 23.69 -8.19
N SER A 254 -11.64 24.10 -8.28
CA SER A 254 -11.30 25.47 -8.67
C SER A 254 -11.11 25.52 -10.18
N TYR A 255 -12.19 25.82 -10.91
CA TYR A 255 -12.13 25.85 -12.37
C TYR A 255 -11.33 27.07 -12.81
N GLN A 256 -10.07 26.85 -13.17
CA GLN A 256 -9.12 27.92 -13.42
C GLN A 256 -9.23 28.33 -14.88
N MET A 257 -10.03 29.36 -15.15
CA MET A 257 -10.25 29.84 -16.52
C MET A 257 -9.14 30.76 -16.98
N ARG A 258 -8.76 30.65 -18.25
CA ARG A 258 -7.67 31.45 -18.79
C ARG A 258 -7.82 31.56 -20.30
N GLN A 259 -6.85 32.17 -20.95
CA GLN A 259 -6.75 32.12 -22.40
C GLN A 259 -5.40 31.56 -22.80
N THR A 260 -5.34 31.03 -24.02
CA THR A 260 -4.19 30.27 -24.47
C THR A 260 -3.29 31.06 -25.42
N THR A 261 -3.25 32.39 -25.27
CA THR A 261 -2.38 33.26 -26.06
C THR A 261 -1.28 33.78 -25.14
N ARG A 262 -0.04 33.38 -25.42
CA ARG A 262 1.12 33.81 -24.65
C ARG A 262 1.55 35.21 -25.08
N ASP A 263 0.66 36.18 -24.87
CA ASP A 263 0.83 37.48 -25.50
C ASP A 263 2.00 38.24 -24.92
N HIS A 264 2.32 38.01 -23.66
CA HIS A 264 3.49 38.61 -23.04
C HIS A 264 4.32 37.56 -22.34
N PRO A 265 5.64 37.71 -22.32
CA PRO A 265 6.43 36.95 -21.36
C PRO A 265 6.24 37.51 -19.95
N GLY A 266 6.39 36.64 -18.96
CA GLY A 266 6.31 37.10 -17.59
C GLY A 266 7.54 37.89 -17.25
N VAL A 267 8.69 37.27 -17.41
CA VAL A 267 9.99 37.93 -17.32
C VAL A 267 10.74 37.66 -18.61
N PHE A 268 11.53 38.62 -19.06
CA PHE A 268 12.33 38.42 -20.26
C PHE A 268 13.79 38.64 -19.94
N LEU A 269 14.65 37.79 -20.50
CA LEU A 269 16.09 37.79 -20.23
C LEU A 269 16.82 37.32 -21.49
N TRP A 270 16.83 38.18 -22.50
CA TRP A 270 17.18 37.82 -23.87
C TRP A 270 18.49 38.53 -24.24
N LYS A 271 19.59 37.76 -24.24
CA LYS A 271 20.94 38.22 -24.52
C LYS A 271 21.54 38.87 -23.28
N ASP A 272 21.52 38.18 -22.14
CA ASP A 272 22.16 38.66 -20.92
C ASP A 272 23.32 37.76 -20.53
N LYS A 273 24.15 38.19 -19.58
CA LYS A 273 25.30 37.39 -19.17
C LYS A 273 25.51 37.49 -17.67
N ASP A 274 25.26 36.39 -16.97
CA ASP A 274 25.40 36.34 -15.52
C ASP A 274 24.34 37.21 -14.87
N VAL A 275 23.05 36.82 -15.06
CA VAL A 275 21.90 37.37 -14.34
C VAL A 275 21.66 36.53 -13.09
N THR A 276 21.00 37.09 -12.09
CA THR A 276 20.56 36.31 -10.94
C THR A 276 19.18 36.78 -10.50
N LEU A 277 18.34 35.83 -10.11
CA LEU A 277 17.00 36.11 -9.62
C LEU A 277 16.88 35.46 -8.25
N LYS A 278 16.77 36.27 -7.19
CA LYS A 278 16.71 35.77 -5.82
C LYS A 278 15.49 36.33 -5.10
N GLY A 279 14.89 35.49 -4.27
CA GLY A 279 13.92 35.95 -3.27
C GLY A 279 12.76 36.72 -3.83
N ILE A 280 12.27 36.31 -5.00
CA ILE A 280 11.09 36.93 -5.60
C ILE A 280 9.91 36.01 -5.38
N ASP A 281 8.90 36.50 -4.68
CA ASP A 281 7.61 35.82 -4.58
C ASP A 281 6.87 36.10 -5.87
N PHE A 282 6.66 35.07 -6.71
CA PHE A 282 5.89 35.25 -7.95
C PHE A 282 4.45 34.89 -7.66
N ARG A 283 3.65 35.90 -7.30
CA ARG A 283 2.28 35.64 -6.91
C ARG A 283 1.37 35.48 -8.12
N PHE A 284 1.72 36.10 -9.24
CA PHE A 284 0.99 35.97 -10.49
C PHE A 284 1.83 36.61 -11.59
N LEU A 285 1.82 36.01 -12.77
CA LEU A 285 2.37 36.69 -13.93
C LEU A 285 1.32 36.62 -15.02
N HIS A 286 1.33 37.62 -15.89
CA HIS A 286 0.50 37.56 -17.07
C HIS A 286 1.31 37.06 -18.23
N GLY A 287 0.66 36.36 -19.14
CA GLY A 287 1.30 36.01 -20.39
C GLY A 287 2.02 34.68 -20.36
N PHE A 288 3.20 34.62 -19.75
CA PHE A 288 3.94 33.37 -19.73
C PHE A 288 4.69 33.26 -18.41
N GLY A 289 5.84 32.61 -18.40
CA GLY A 289 6.67 32.50 -17.24
C GLY A 289 7.97 33.26 -17.46
N VAL A 290 9.05 32.82 -16.81
CA VAL A 290 10.34 33.51 -16.93
C VAL A 290 11.04 32.97 -18.17
N VAL A 291 10.94 33.69 -19.29
CA VAL A 291 11.62 33.29 -20.52
C VAL A 291 13.05 33.80 -20.48
N GLY A 292 14.02 32.90 -20.41
CA GLY A 292 15.39 33.22 -20.73
C GLY A 292 15.64 32.76 -22.15
N GLN A 293 16.19 33.64 -22.98
CA GLN A 293 16.28 33.34 -24.40
C GLN A 293 17.65 33.81 -24.90
N SER A 294 18.63 32.90 -24.86
CA SER A 294 20.05 33.21 -25.11
C SER A 294 20.62 34.05 -23.96
N THR A 295 21.45 33.45 -23.11
CA THR A 295 22.01 34.10 -21.93
C THR A 295 23.14 33.23 -21.39
N ASP A 296 24.31 33.80 -21.10
CA ASP A 296 25.47 32.95 -20.81
C ASP A 296 25.35 32.27 -19.45
N THR A 297 24.78 32.92 -18.44
CA THR A 297 24.58 32.18 -17.21
C THR A 297 23.35 32.72 -16.51
N ILE A 298 22.62 31.84 -15.84
CA ILE A 298 21.46 32.23 -15.06
C ILE A 298 21.52 31.52 -13.72
N THR A 299 21.12 32.22 -12.67
CA THR A 299 21.05 31.65 -11.32
C THR A 299 19.80 32.11 -10.60
N MET A 300 19.05 31.15 -10.06
CA MET A 300 17.70 31.37 -9.54
C MET A 300 17.54 30.73 -8.16
N ASP A 301 17.88 31.48 -7.10
CA ASP A 301 17.78 31.03 -5.71
C ASP A 301 16.50 31.55 -5.06
N GLY A 302 16.01 30.79 -4.08
CA GLY A 302 14.96 31.27 -3.20
C GLY A 302 13.74 31.88 -3.87
N LEU A 303 13.43 31.45 -5.08
CA LEU A 303 12.21 31.87 -5.71
C LEU A 303 11.04 31.08 -5.15
N HIS A 304 9.86 31.69 -5.16
CA HIS A 304 8.64 30.99 -4.76
C HIS A 304 7.53 31.34 -5.74
N PHE A 305 7.25 30.42 -6.66
CA PHE A 305 6.14 30.54 -7.59
C PHE A 305 4.92 29.88 -6.96
N GLY A 306 3.78 30.54 -7.05
CA GLY A 306 2.59 30.15 -6.33
C GLY A 306 2.06 31.27 -5.46
N THR A 307 0.82 31.09 -5.02
CA THR A 307 0.22 32.03 -4.10
C THR A 307 0.30 31.48 -2.67
N GLY A 308 -0.51 32.06 -1.78
CA GLY A 308 -0.62 31.59 -0.43
C GLY A 308 -2.06 31.21 -0.12
N GLU A 309 -2.22 30.50 1.00
CA GLU A 309 -3.56 30.15 1.45
C GLU A 309 -4.29 31.35 2.08
N GLY A 310 -3.57 32.39 2.53
CA GLY A 310 -4.24 33.60 2.98
C GLY A 310 -4.95 34.30 1.85
N THR A 311 -4.50 34.04 0.62
CA THR A 311 -5.12 34.52 -0.60
C THR A 311 -6.22 33.58 -1.04
N GLY A 312 -7.13 34.10 -1.87
CA GLY A 312 -8.09 33.25 -2.53
C GLY A 312 -7.72 32.99 -3.97
N ARG A 313 -6.44 32.83 -4.30
CA ARG A 313 -6.04 32.54 -5.67
C ARG A 313 -5.50 31.12 -5.79
N SER A 314 -5.73 30.50 -6.95
CA SER A 314 -5.33 29.12 -7.18
C SER A 314 -4.22 28.95 -8.21
N THR A 315 -3.87 29.96 -8.99
CA THR A 315 -2.74 29.79 -9.89
C THR A 315 -1.90 31.07 -9.97
N ALA A 316 -0.60 30.91 -9.76
CA ALA A 316 0.39 31.95 -10.02
C ALA A 316 1.05 31.78 -11.37
N GLY A 317 0.50 30.92 -12.21
CA GLY A 317 1.00 30.74 -13.55
C GLY A 317 -0.10 30.97 -14.56
N TYR A 318 0.20 31.79 -15.57
CA TYR A 318 -0.61 31.84 -16.78
C TYR A 318 -0.36 30.61 -17.64
N ALA A 319 0.91 30.20 -17.72
CA ALA A 319 1.31 28.94 -18.35
C ALA A 319 2.56 28.41 -17.65
N ASP A 320 3.74 28.63 -18.25
CA ASP A 320 4.99 28.12 -17.71
C ASP A 320 5.44 29.02 -16.55
N PHE A 321 6.56 28.65 -15.93
CA PHE A 321 7.15 29.44 -14.86
C PHE A 321 8.60 29.76 -15.16
N VAL A 322 9.42 28.76 -15.44
CA VAL A 322 10.79 28.97 -15.87
C VAL A 322 10.98 28.33 -17.23
N GLN A 323 11.27 29.14 -18.24
CA GLN A 323 11.64 28.68 -19.56
C GLN A 323 13.06 29.16 -19.85
N MET A 324 13.92 28.24 -20.28
CA MET A 324 15.32 28.57 -20.56
C MET A 324 15.66 28.10 -21.99
N SER A 325 14.97 28.69 -22.96
CA SER A 325 15.12 28.33 -24.37
C SER A 325 16.50 28.72 -24.88
N GLY A 326 17.34 27.72 -25.18
CA GLY A 326 18.57 27.93 -25.93
C GLY A 326 19.56 28.87 -25.28
N CYS A 327 20.00 28.53 -24.09
CA CYS A 327 20.90 29.35 -23.28
C CYS A 327 22.24 28.66 -23.13
N LYS A 328 23.18 29.31 -22.43
CA LYS A 328 24.53 28.80 -22.28
C LYS A 328 25.00 28.70 -20.83
N GLY A 329 26.27 28.38 -20.64
CA GLY A 329 26.86 28.42 -19.32
C GLY A 329 26.15 27.50 -18.33
N VAL A 330 25.74 28.05 -17.19
CA VAL A 330 25.16 27.25 -16.13
C VAL A 330 23.80 27.84 -15.76
N ILE A 331 22.73 27.06 -16.01
CA ILE A 331 21.38 27.36 -15.53
C ILE A 331 21.21 26.68 -14.19
N THR A 332 20.85 27.45 -13.16
CA THR A 332 20.79 26.93 -11.80
C THR A 332 19.47 27.29 -11.18
N VAL A 333 18.77 26.29 -10.63
CA VAL A 333 17.54 26.52 -9.86
C VAL A 333 17.74 25.85 -8.51
N ALA A 334 17.77 26.66 -7.44
CA ALA A 334 18.15 26.26 -6.09
C ALA A 334 17.17 26.79 -5.04
N ASN A 335 16.87 25.96 -4.04
CA ASN A 335 16.13 26.36 -2.83
C ASN A 335 14.80 27.06 -3.14
N SER A 336 14.13 26.67 -4.23
CA SER A 336 12.91 27.34 -4.66
C SER A 336 11.70 26.41 -4.54
N SER A 337 10.60 26.79 -5.18
CA SER A 337 9.33 26.15 -4.87
C SER A 337 8.28 26.60 -5.89
N PHE A 338 7.51 25.62 -6.40
CA PHE A 338 6.49 25.85 -7.43
C PHE A 338 5.19 25.21 -6.97
N SER A 339 4.06 25.89 -7.17
CA SER A 339 2.76 25.30 -6.83
C SER A 339 1.69 25.67 -7.85
N ASN A 340 1.12 24.64 -8.48
CA ASN A 340 0.03 24.73 -9.44
C ASN A 340 0.30 25.72 -10.55
N PRO A 341 0.93 25.29 -11.62
CA PRO A 341 0.96 26.10 -12.84
C PRO A 341 0.04 25.54 -13.93
N HIS A 342 -0.19 26.33 -14.97
CA HIS A 342 -0.93 25.85 -16.13
C HIS A 342 0.01 25.25 -17.16
N ASP A 343 1.24 24.96 -16.77
CA ASP A 343 2.26 24.35 -17.59
C ASP A 343 3.33 23.81 -16.65
N ASP A 344 4.50 23.47 -17.20
CA ASP A 344 5.54 22.81 -16.42
C ASP A 344 6.25 23.82 -15.50
N PRO A 345 6.85 23.36 -14.42
CA PRO A 345 7.76 24.25 -13.68
C PRO A 345 8.94 24.73 -14.51
N ILE A 346 9.97 23.90 -14.69
CA ILE A 346 11.19 24.26 -15.42
C ILE A 346 11.23 23.46 -16.72
N ASN A 347 11.46 24.12 -17.85
CA ASN A 347 11.71 23.41 -19.11
C ASN A 347 12.91 24.02 -19.78
N VAL A 348 14.08 23.44 -19.57
CA VAL A 348 15.29 23.86 -20.26
C VAL A 348 15.42 23.10 -21.59
N HIS A 349 15.79 23.81 -22.64
CA HIS A 349 15.82 23.23 -23.98
C HIS A 349 16.51 24.18 -24.95
N GLY A 350 16.23 23.97 -26.25
CA GLY A 350 16.60 24.88 -27.33
C GLY A 350 15.50 24.94 -28.35
N THR A 351 15.82 25.08 -29.64
CA THR A 351 14.81 24.92 -30.68
C THR A 351 15.46 24.39 -31.95
N PHE A 352 14.94 23.27 -32.47
CA PHE A 352 15.39 22.76 -33.77
C PHE A 352 14.79 23.60 -34.89
N LEU A 353 15.64 24.09 -35.79
CA LEU A 353 15.20 24.63 -37.06
C LEU A 353 15.50 23.59 -38.14
N GLN A 354 14.62 23.47 -39.13
CA GLN A 354 14.69 22.39 -40.10
C GLN A 354 15.10 22.93 -41.46
N VAL A 355 16.03 22.23 -42.11
CA VAL A 355 16.59 22.73 -43.37
C VAL A 355 15.51 22.67 -44.45
N VAL A 356 15.22 23.84 -45.04
CA VAL A 356 14.21 23.95 -46.08
C VAL A 356 14.80 24.43 -47.41
N GLU A 357 16.13 24.52 -47.50
CA GLU A 357 16.80 24.88 -48.76
C GLU A 357 18.34 24.80 -48.67
N LYS A 358 19.00 24.31 -49.73
CA LYS A 358 20.46 24.31 -49.82
C LYS A 358 20.88 25.36 -50.85
N ILE A 359 21.41 26.49 -50.35
CA ILE A 359 21.81 27.58 -51.23
C ILE A 359 23.25 27.39 -51.69
N SER A 360 23.97 26.44 -51.13
CA SER A 360 25.32 26.12 -51.57
C SER A 360 25.76 24.87 -50.82
N ASP A 361 26.93 24.35 -51.18
CA ASP A 361 27.49 23.33 -50.31
C ASP A 361 27.97 23.91 -48.98
N THR A 362 27.86 25.24 -48.82
CA THR A 362 28.24 25.94 -47.60
C THR A 362 27.13 26.84 -47.06
N LYS A 363 26.00 26.98 -47.76
CA LYS A 363 24.97 27.97 -47.47
C LYS A 363 23.60 27.30 -47.47
N ILE A 364 22.85 27.47 -46.38
CA ILE A 364 21.57 26.81 -46.23
C ILE A 364 20.55 27.81 -45.69
N LYS A 365 19.28 27.52 -45.95
CA LYS A 365 18.14 28.20 -45.33
C LYS A 365 17.40 27.19 -44.46
N VAL A 366 17.16 27.53 -43.20
CA VAL A 366 16.44 26.67 -42.28
C VAL A 366 15.27 27.46 -41.71
N ARG A 367 14.28 26.77 -41.18
CA ARG A 367 13.00 27.39 -40.89
C ARG A 367 12.53 27.06 -39.49
N TYR A 368 11.85 28.02 -38.85
CA TYR A 368 11.20 27.79 -37.56
C TYR A 368 9.91 27.05 -37.83
N MET A 369 9.90 25.75 -37.55
CA MET A 369 8.80 24.90 -37.95
C MET A 369 7.68 24.77 -36.91
N HIS A 370 7.77 25.46 -35.77
CA HIS A 370 6.65 25.56 -34.85
C HIS A 370 6.05 26.96 -34.91
N ASN A 371 4.72 27.05 -34.78
CA ASN A 371 4.05 28.33 -34.90
C ASN A 371 4.20 29.19 -33.65
N GLU A 372 4.35 28.59 -32.48
CA GLU A 372 4.47 29.35 -31.26
C GLU A 372 5.89 29.85 -30.98
N THR A 373 6.90 29.38 -31.72
CA THR A 373 8.30 29.76 -31.52
C THR A 373 8.86 30.20 -32.87
N ALA A 374 9.03 31.51 -33.07
CA ALA A 374 9.78 32.00 -34.21
C ALA A 374 10.04 33.47 -33.97
N GLY A 375 10.77 34.09 -34.90
CA GLY A 375 10.94 35.53 -34.87
C GLY A 375 12.31 36.04 -34.54
N PHE A 376 12.97 35.42 -33.56
CA PHE A 376 14.25 35.84 -33.01
C PHE A 376 15.36 35.03 -33.63
N PRO A 377 16.60 35.53 -33.59
CA PRO A 377 17.71 34.77 -34.17
C PRO A 377 18.24 33.75 -33.20
N SER A 378 18.51 32.55 -33.71
CA SER A 378 19.07 31.49 -32.90
C SER A 378 20.46 31.09 -33.35
N PHE A 379 21.04 31.79 -34.32
CA PHE A 379 22.39 31.49 -34.73
C PHE A 379 23.17 32.78 -34.79
N PHE A 380 24.39 32.74 -34.26
CA PHE A 380 25.26 33.90 -34.19
C PHE A 380 26.61 33.58 -34.80
N VAL A 381 27.07 34.45 -35.71
CA VAL A 381 28.36 34.35 -36.36
C VAL A 381 29.41 33.87 -35.36
N GLY A 382 30.11 32.78 -35.70
CA GLY A 382 31.06 32.16 -34.83
C GLY A 382 30.51 30.97 -34.08
N ASP A 383 29.19 30.87 -33.91
CA ASP A 383 28.55 29.75 -33.20
C ASP A 383 28.87 28.40 -33.83
N GLN A 384 28.30 27.34 -33.29
CA GLN A 384 28.52 26.02 -33.86
C GLN A 384 27.20 25.29 -33.97
N VAL A 385 26.96 24.73 -35.15
CA VAL A 385 25.76 23.99 -35.47
C VAL A 385 26.11 22.52 -35.63
N GLU A 386 25.23 21.64 -35.18
CA GLU A 386 25.28 20.24 -35.56
C GLU A 386 24.08 19.94 -36.43
N PHE A 387 24.21 18.91 -37.26
CA PHE A 387 23.13 18.43 -38.10
C PHE A 387 22.57 17.13 -37.54
N MET A 388 21.33 16.83 -37.91
CA MET A 388 20.58 15.74 -37.28
C MET A 388 19.57 15.18 -38.26
N THR A 389 19.49 13.85 -38.37
CA THR A 389 18.48 13.20 -39.19
C THR A 389 17.22 13.00 -38.37
N LYS A 390 16.10 13.53 -38.86
CA LYS A 390 14.87 13.50 -38.05
C LYS A 390 14.38 12.09 -37.79
N GLY A 391 14.73 11.13 -38.63
CA GLY A 391 14.21 9.77 -38.50
C GLY A 391 14.46 9.12 -37.15
N ASP A 392 15.72 8.92 -36.82
CA ASP A 392 16.08 8.40 -35.50
C ASP A 392 16.41 9.50 -34.51
N MET A 393 16.42 10.77 -34.94
CA MET A 393 16.83 11.90 -34.11
C MET A 393 18.26 11.76 -33.62
N LEU A 394 19.09 11.04 -34.37
CA LEU A 394 20.51 10.72 -34.24
C LEU A 394 21.36 11.65 -35.11
N PRO A 395 22.54 12.07 -34.63
CA PRO A 395 23.24 13.19 -35.28
C PRO A 395 24.09 12.73 -36.46
N VAL A 396 24.06 13.52 -37.54
CA VAL A 396 24.85 13.20 -38.74
C VAL A 396 26.33 13.20 -38.38
N SER A 397 27.04 12.17 -38.86
CA SER A 397 28.42 11.96 -38.45
C SER A 397 29.28 13.10 -38.92
N ASP A 398 30.05 13.67 -38.01
CA ASP A 398 30.99 14.74 -38.33
C ASP A 398 30.30 15.80 -39.18
N SER A 399 29.23 16.32 -38.63
CA SER A 399 28.52 17.39 -39.30
C SER A 399 28.77 18.71 -38.62
N VAL A 400 29.53 18.73 -37.52
CA VAL A 400 29.63 19.94 -36.72
C VAL A 400 30.36 21.00 -37.52
N ARG A 401 29.80 22.23 -37.51
CA ARG A 401 30.21 23.34 -38.37
C ARG A 401 30.18 24.65 -37.60
N THR A 402 30.91 25.63 -38.12
CA THR A 402 30.96 27.00 -37.63
C THR A 402 30.11 27.91 -38.53
N VAL A 403 29.44 28.90 -37.93
CA VAL A 403 28.61 29.83 -38.69
C VAL A 403 29.43 31.09 -39.01
N THR A 404 29.47 31.46 -40.30
CA THR A 404 30.29 32.59 -40.74
C THR A 404 29.50 33.83 -41.12
N ALA A 405 28.24 33.67 -41.51
CA ALA A 405 27.39 34.81 -41.78
C ALA A 405 25.97 34.40 -41.46
N VAL A 406 25.21 35.31 -40.85
CA VAL A 406 23.80 35.06 -40.54
C VAL A 406 23.00 36.15 -41.23
N ASP A 407 22.03 35.74 -42.04
CA ASP A 407 21.02 36.62 -42.64
C ASP A 407 19.66 36.15 -42.14
N GLY A 408 19.16 36.75 -41.05
CA GLY A 408 17.88 36.35 -40.50
C GLY A 408 17.08 37.54 -39.99
N PRO A 409 16.10 37.31 -39.15
CA PRO A 409 15.53 38.40 -38.38
C PRO A 409 16.42 38.65 -37.17
N ASP A 410 16.21 39.80 -36.53
CA ASP A 410 16.95 40.12 -35.33
C ASP A 410 16.12 39.99 -34.06
N GLY A 411 14.87 39.52 -34.15
CA GLY A 411 14.11 39.42 -32.92
C GLY A 411 13.54 40.72 -32.43
N GLN A 412 13.78 41.82 -33.14
CA GLN A 412 13.05 43.05 -32.90
C GLN A 412 12.36 43.51 -34.15
N GLY A 413 12.13 42.61 -35.09
CA GLY A 413 11.54 43.00 -36.35
C GLY A 413 12.50 43.73 -37.26
N GLY A 414 13.76 43.36 -37.22
CA GLY A 414 14.73 43.95 -38.12
C GLY A 414 15.51 42.93 -38.92
N ASP A 415 16.59 43.40 -39.54
CA ASP A 415 17.43 42.56 -40.36
C ASP A 415 18.70 42.25 -39.61
N MET A 416 19.22 41.06 -39.87
CA MET A 416 20.53 40.63 -39.43
C MET A 416 21.28 40.20 -40.68
N GLY A 417 22.46 40.75 -40.91
CA GLY A 417 23.06 40.52 -42.22
C GLY A 417 22.16 41.05 -43.32
N ALA A 418 22.01 40.26 -44.38
CA ALA A 418 21.23 40.72 -45.53
C ALA A 418 19.75 40.55 -45.34
N GLY A 419 19.34 39.79 -44.33
CA GLY A 419 17.95 39.51 -44.07
C GLY A 419 17.59 38.13 -44.54
N SER A 420 16.38 37.71 -44.18
CA SER A 420 15.90 36.42 -44.65
C SER A 420 14.60 36.51 -45.39
N GLY A 421 13.87 37.60 -45.23
CA GLY A 421 12.64 37.80 -45.95
C GLY A 421 11.40 37.37 -45.21
N SER A 422 11.55 36.64 -44.10
CA SER A 422 10.40 36.32 -43.27
C SER A 422 10.92 35.95 -41.90
N LEU A 423 10.09 36.20 -40.88
CA LEU A 423 10.49 35.93 -39.50
C LEU A 423 10.56 34.44 -39.20
N THR A 424 10.32 33.60 -40.18
CA THR A 424 10.39 32.17 -39.97
C THR A 424 11.64 31.53 -40.55
N ASP A 425 12.41 32.25 -41.37
CA ASP A 425 13.55 31.69 -42.06
C ASP A 425 14.83 32.42 -41.66
N ILE A 426 15.95 31.71 -41.67
CA ILE A 426 17.28 32.19 -41.34
C ILE A 426 18.19 31.68 -42.45
N VAL A 427 19.30 32.37 -42.74
CA VAL A 427 20.24 31.93 -43.77
C VAL A 427 21.64 31.90 -43.18
N LEU A 428 22.27 30.73 -43.20
CA LEU A 428 23.58 30.54 -42.60
C LEU A 428 24.59 30.14 -43.67
N THR A 429 25.86 30.46 -43.38
CA THR A 429 27.01 30.10 -44.19
C THR A 429 28.02 29.42 -43.28
N LEU A 430 28.42 28.20 -43.61
CA LEU A 430 29.23 27.42 -42.70
C LEU A 430 30.69 27.50 -43.11
N ASP A 431 31.57 27.26 -42.14
CA ASP A 431 33.00 27.42 -42.41
C ASP A 431 33.48 26.51 -43.53
N SER A 432 32.99 25.27 -43.56
CA SER A 432 33.32 24.30 -44.60
C SER A 432 32.05 23.74 -45.21
N ALA A 433 32.20 23.11 -46.38
CA ALA A 433 31.05 22.55 -47.06
C ALA A 433 30.34 21.53 -46.18
N ILE A 434 29.01 21.46 -46.28
CA ILE A 434 28.22 20.62 -45.38
C ILE A 434 28.39 19.14 -45.70
N PRO A 435 28.19 18.22 -44.72
CA PRO A 435 28.24 16.78 -45.02
C PRO A 435 27.18 16.45 -46.06
N SER A 436 27.53 15.53 -46.95
CA SER A 436 26.71 15.33 -48.15
C SER A 436 25.37 14.69 -47.86
N ALA A 437 25.25 13.97 -46.75
CA ALA A 437 23.99 13.36 -46.39
C ALA A 437 22.87 14.37 -46.17
N VAL A 438 23.19 15.65 -45.94
CA VAL A 438 22.17 16.62 -45.56
C VAL A 438 21.19 16.80 -46.70
N ALA A 439 19.90 16.85 -46.36
CA ALA A 439 18.88 16.99 -47.38
C ALA A 439 17.78 17.93 -46.91
N VAL A 440 17.14 18.59 -47.88
CA VAL A 440 16.13 19.59 -47.57
C VAL A 440 14.88 18.91 -47.04
N ASN A 441 14.35 19.44 -45.95
CA ASN A 441 13.22 18.93 -45.20
C ASN A 441 13.50 17.59 -44.56
N SER A 442 14.69 17.00 -44.75
CA SER A 442 15.01 15.70 -44.17
C SER A 442 15.76 15.78 -42.85
N HIS A 443 16.61 16.80 -42.68
CA HIS A 443 17.45 16.99 -41.50
C HIS A 443 17.10 18.30 -40.79
N VAL A 444 17.17 18.29 -39.45
CA VAL A 444 17.10 19.53 -38.67
C VAL A 444 18.51 19.93 -38.29
N VAL A 445 18.70 21.23 -37.98
CA VAL A 445 19.96 21.78 -37.52
C VAL A 445 19.79 22.24 -36.08
N GLU A 446 20.88 22.20 -35.30
CA GLU A 446 20.87 22.53 -33.88
C GLU A 446 22.06 23.42 -33.51
N ASN A 447 21.80 24.52 -32.79
CA ASN A 447 22.87 25.41 -32.30
C ASN A 447 23.52 24.80 -31.08
N ILE A 448 24.69 24.19 -31.26
CA ILE A 448 25.31 23.46 -30.16
C ILE A 448 26.10 24.36 -29.21
N THR A 449 26.41 25.60 -29.63
CA THR A 449 27.13 26.49 -28.72
C THR A 449 26.23 26.93 -27.57
N TYR A 450 24.95 27.22 -27.85
CA TYR A 450 23.97 27.60 -26.82
C TYR A 450 23.38 26.36 -26.16
N THR A 451 24.19 25.73 -25.32
CA THR A 451 23.82 24.51 -24.58
C THR A 451 24.09 24.66 -23.09
N PRO A 452 23.07 24.81 -22.24
CA PRO A 452 23.34 25.15 -20.84
C PRO A 452 23.63 23.92 -19.99
N GLU A 453 24.73 23.96 -19.24
CA GLU A 453 24.88 23.04 -18.12
C GLU A 453 23.79 23.32 -17.09
N VAL A 454 23.33 22.31 -16.36
CA VAL A 454 22.13 22.49 -15.55
C VAL A 454 22.26 21.86 -14.16
N ASN A 455 21.85 22.62 -13.13
CA ASN A 455 21.92 22.21 -11.72
C ASN A 455 20.63 22.58 -11.01
N ILE A 456 19.82 21.59 -10.67
CA ILE A 456 18.46 21.78 -10.14
C ILE A 456 18.40 21.11 -8.78
N HIS A 457 18.65 21.84 -7.69
CA HIS A 457 18.72 21.19 -6.39
C HIS A 457 17.90 21.89 -5.31
N ASP A 458 17.28 21.09 -4.46
CA ASP A 458 16.64 21.52 -3.22
C ASP A 458 15.43 22.42 -3.44
N ASN A 459 14.70 22.14 -4.51
CA ASN A 459 13.44 22.78 -4.82
C ASN A 459 12.31 21.83 -4.50
N VAL A 460 11.10 22.37 -4.42
CA VAL A 460 9.91 21.56 -4.23
C VAL A 460 8.88 21.96 -5.27
N PHE A 461 8.23 20.96 -5.86
CA PHE A 461 7.17 21.14 -6.84
C PHE A 461 5.94 20.39 -6.33
N LYS A 462 4.79 21.05 -6.31
CA LYS A 462 3.60 20.43 -5.73
C LYS A 462 2.38 20.74 -6.57
N GLU A 463 1.50 19.75 -6.71
CA GLU A 463 0.24 19.91 -7.42
C GLU A 463 0.43 20.59 -8.77
N THR A 464 1.28 20.05 -9.55
CA THR A 464 1.19 20.49 -10.92
C THR A 464 0.39 19.48 -11.74
N PRO A 465 -0.35 19.93 -12.74
CA PRO A 465 -1.02 18.97 -13.63
C PRO A 465 -0.07 18.44 -14.68
N THR A 466 0.82 19.27 -15.18
CA THR A 466 1.77 18.85 -16.19
C THR A 466 2.98 18.20 -15.52
N ARG A 467 4.07 18.08 -16.27
CA ARG A 467 5.26 17.42 -15.75
C ARG A 467 5.97 18.30 -14.73
N GLY A 468 6.98 17.73 -14.08
CA GLY A 468 7.81 18.50 -13.17
C GLY A 468 8.88 19.28 -13.92
N ILE A 469 10.10 18.74 -14.01
CA ILE A 469 11.20 19.37 -14.72
C ILE A 469 11.21 18.85 -16.16
N LEU A 470 11.82 19.61 -17.07
CA LEU A 470 12.11 19.13 -18.41
C LEU A 470 13.49 19.64 -18.77
N VAL A 471 14.45 18.75 -19.05
CA VAL A 471 15.80 19.20 -19.38
C VAL A 471 16.29 18.41 -20.58
N THR A 472 16.80 19.11 -21.59
CA THR A 472 17.19 18.45 -22.83
C THR A 472 18.43 19.17 -23.35
N THR A 473 19.62 18.72 -22.91
CA THR A 473 20.87 19.43 -23.16
C THR A 473 22.04 18.46 -23.05
N ARG A 474 23.10 18.72 -23.82
CA ARG A 474 24.20 17.78 -23.83
C ARG A 474 25.31 18.11 -22.84
N LYS A 475 25.27 19.27 -22.17
CA LYS A 475 26.21 19.55 -21.09
C LYS A 475 25.78 18.80 -19.84
N LYS A 476 26.57 18.92 -18.77
CA LYS A 476 26.27 18.22 -17.52
C LYS A 476 24.85 18.52 -17.06
N VAL A 477 24.21 17.55 -16.44
CA VAL A 477 22.84 17.72 -15.95
C VAL A 477 22.74 17.04 -14.58
N THR A 478 22.51 17.82 -13.52
CA THR A 478 22.31 17.34 -12.15
C THR A 478 20.95 17.78 -11.62
N ILE A 479 20.18 16.83 -11.09
CA ILE A 479 18.88 17.10 -10.47
C ILE A 479 18.91 16.39 -9.11
N GLU A 480 19.35 17.10 -8.06
CA GLU A 480 19.70 16.50 -6.78
C GLU A 480 18.82 17.02 -5.66
N ASN A 481 18.23 16.11 -4.89
CA ASN A 481 17.49 16.41 -3.67
C ASN A 481 16.31 17.34 -3.91
N ASN A 482 15.45 16.96 -4.84
CA ASN A 482 14.22 17.72 -5.14
C ASN A 482 13.02 16.93 -4.64
N LEU A 483 11.95 17.64 -4.29
CA LEU A 483 10.73 16.98 -3.83
C LEU A 483 9.62 17.17 -4.85
N PHE A 484 9.15 16.06 -5.42
CA PHE A 484 8.05 16.04 -6.38
C PHE A 484 6.84 15.40 -5.72
N ASP A 485 5.78 16.17 -5.55
CA ASP A 485 4.57 15.71 -4.92
C ASP A 485 3.41 16.18 -5.79
N GLY A 486 2.51 15.28 -6.15
CA GLY A 486 1.38 15.67 -6.96
C GLY A 486 1.67 15.97 -8.42
N MET A 487 2.86 15.66 -8.92
CA MET A 487 3.15 15.70 -10.36
C MET A 487 2.08 14.96 -11.16
N GLY A 488 1.09 15.69 -11.67
CA GLY A 488 -0.06 15.07 -12.32
C GLY A 488 0.28 14.28 -13.58
N MET A 489 1.46 14.51 -14.15
CA MET A 489 1.96 13.72 -15.27
C MET A 489 3.33 13.14 -14.98
N ALA A 490 4.19 13.13 -16.00
CA ALA A 490 5.51 12.55 -15.86
C ALA A 490 6.38 13.45 -14.98
N GLY A 491 6.69 13.00 -13.77
CA GLY A 491 7.60 13.74 -12.90
C GLY A 491 8.74 14.46 -13.58
N ILE A 492 9.66 13.73 -14.21
CA ILE A 492 10.75 14.30 -14.99
C ILE A 492 10.65 13.73 -16.39
N TYR A 493 10.73 14.60 -17.41
CA TYR A 493 10.54 14.24 -18.81
C TYR A 493 11.73 14.73 -19.62
N ILE A 494 12.51 13.80 -20.17
CA ILE A 494 13.68 14.11 -20.99
C ILE A 494 13.39 13.65 -22.42
N SER A 495 12.95 14.57 -23.29
CA SER A 495 12.34 14.23 -24.60
C SER A 495 13.31 14.31 -25.77
N ASN A 496 13.57 15.52 -26.30
CA ASN A 496 14.36 15.74 -27.51
C ASN A 496 13.56 15.34 -28.74
N ASP A 497 13.23 16.30 -29.61
CA ASP A 497 12.07 16.13 -30.46
C ASP A 497 12.07 17.07 -31.66
N ALA A 498 12.25 16.57 -32.87
CA ALA A 498 12.03 17.37 -34.07
C ALA A 498 10.83 16.90 -34.88
N GLN A 499 9.90 16.21 -34.23
CA GLN A 499 8.66 15.77 -34.89
C GLN A 499 7.60 16.86 -34.75
N SER A 500 7.07 17.03 -33.54
CA SER A 500 6.06 18.05 -33.32
C SER A 500 6.66 19.31 -32.74
N TRP A 501 7.16 19.25 -31.50
CA TRP A 501 7.47 20.47 -30.76
C TRP A 501 8.74 21.15 -31.24
N TYR A 502 9.72 20.39 -31.70
CA TYR A 502 10.97 20.92 -32.23
C TYR A 502 11.79 21.61 -31.14
N GLU A 503 11.98 20.92 -30.02
CA GLU A 503 12.73 21.44 -28.88
C GLU A 503 14.00 20.60 -28.71
N SER A 504 15.17 21.23 -28.86
CA SER A 504 16.43 20.51 -28.76
C SER A 504 16.86 20.37 -27.32
N GLY A 505 17.68 19.36 -27.02
CA GLY A 505 18.27 18.43 -27.97
C GLY A 505 18.71 17.16 -27.23
N PRO A 506 19.80 16.53 -27.65
CA PRO A 506 20.19 15.24 -27.07
C PRO A 506 21.10 15.33 -25.85
N THR A 507 20.80 14.51 -24.82
CA THR A 507 21.50 14.62 -23.53
C THR A 507 22.70 13.67 -23.47
N ARG A 508 23.66 13.99 -22.58
CA ARG A 508 24.96 13.29 -22.61
C ARG A 508 25.63 13.10 -21.25
N ASP A 509 25.02 13.51 -20.14
CA ASP A 509 25.65 13.48 -18.82
C ASP A 509 24.61 13.62 -17.70
N VAL A 510 23.47 12.94 -17.82
CA VAL A 510 22.34 13.17 -16.93
C VAL A 510 22.50 12.34 -15.67
N THR A 511 22.68 13.01 -14.52
CA THR A 511 22.70 12.36 -13.21
C THR A 511 21.54 12.89 -12.36
N ILE A 512 20.76 11.98 -11.78
CA ILE A 512 19.52 12.33 -11.08
C ILE A 512 19.53 11.78 -9.65
N ARG A 513 20.27 12.42 -8.75
CA ARG A 513 20.47 11.87 -7.42
C ARG A 513 19.41 12.37 -6.44
N GLY A 514 19.48 11.86 -5.22
CA GLY A 514 18.87 12.48 -4.07
C GLY A 514 17.37 12.72 -4.00
N ASN A 515 16.65 12.78 -5.13
CA ASN A 515 15.28 13.27 -5.07
C ASN A 515 14.33 12.26 -4.43
N THR A 516 13.19 12.79 -3.99
CA THR A 516 12.09 12.01 -3.43
C THR A 516 10.82 12.30 -4.21
N PHE A 517 10.26 11.27 -4.85
CA PHE A 517 9.00 11.37 -5.57
C PHE A 517 7.88 10.80 -4.73
N ARG A 518 6.69 11.41 -4.79
CA ARG A 518 5.53 10.78 -4.17
C ARG A 518 4.26 11.41 -4.73
N ARG A 519 3.17 10.64 -4.66
CA ARG A 519 1.86 11.02 -5.19
C ARG A 519 1.97 11.45 -6.66
N SER A 520 2.76 10.71 -7.43
CA SER A 520 2.81 10.93 -8.88
C SER A 520 1.57 10.36 -9.54
N GLY A 521 1.00 11.11 -10.48
CA GLY A 521 -0.14 10.64 -11.23
C GLY A 521 0.17 9.74 -12.41
N SER A 522 1.43 9.70 -12.81
CA SER A 522 1.81 8.97 -14.02
C SER A 522 3.18 8.36 -13.80
N ASP A 523 4.09 8.50 -14.76
CA ASP A 523 5.45 8.05 -14.54
C ASP A 523 6.19 9.03 -13.63
N ALA A 524 7.36 8.61 -13.16
CA ALA A 524 8.22 9.48 -12.36
C ALA A 524 9.36 10.02 -13.20
N ILE A 525 10.17 9.14 -13.76
CA ILE A 525 11.19 9.49 -14.74
C ILE A 525 10.76 8.90 -16.07
N LEU A 526 10.72 9.74 -17.13
CA LEU A 526 10.26 9.33 -18.46
C LEU A 526 11.19 9.95 -19.51
N VAL A 527 12.20 9.20 -19.93
CA VAL A 527 12.97 9.56 -21.12
C VAL A 527 12.21 9.03 -22.32
N GLU A 528 12.02 9.87 -23.33
CA GLU A 528 11.18 9.48 -24.47
C GLU A 528 11.34 10.45 -25.62
N PRO A 529 12.43 10.38 -26.37
CA PRO A 529 12.49 11.11 -27.64
C PRO A 529 11.31 10.81 -28.53
N THR A 530 10.98 11.74 -29.41
CA THR A 530 9.89 11.52 -30.34
C THR A 530 10.40 10.99 -31.68
N ASN A 531 11.43 10.17 -31.68
CA ASN A 531 11.89 9.61 -32.93
C ASN A 531 10.94 8.51 -33.38
N PRO A 532 10.42 8.55 -34.62
CA PRO A 532 9.48 7.51 -35.05
C PRO A 532 10.16 6.26 -35.54
N THR A 533 11.43 6.36 -35.97
CA THR A 533 12.26 5.20 -36.26
C THR A 533 13.11 4.97 -35.02
N VAL A 534 12.82 3.92 -34.27
CA VAL A 534 13.70 3.50 -33.19
C VAL A 534 14.93 2.82 -33.76
N SER A 535 16.10 3.03 -33.16
CA SER A 535 17.30 2.35 -33.62
C SER A 535 17.86 1.47 -32.52
N THR A 536 18.22 0.25 -32.90
CA THR A 536 18.77 -0.76 -32.00
C THR A 536 20.22 -1.04 -32.37
N THR A 537 20.94 0.02 -32.69
CA THR A 537 22.35 -0.09 -32.97
C THR A 537 23.02 1.16 -32.40
N ASP A 538 22.32 2.30 -32.44
CA ASP A 538 22.82 3.59 -31.97
C ASP A 538 21.69 4.39 -31.33
N THR A 539 21.97 5.04 -30.18
CA THR A 539 20.93 5.60 -29.32
C THR A 539 21.02 7.12 -29.22
N VAL A 540 19.84 7.74 -28.98
CA VAL A 540 19.73 9.20 -29.02
C VAL A 540 20.42 9.83 -27.83
N HIS A 541 20.17 9.30 -26.63
CA HIS A 541 20.75 9.81 -25.40
C HIS A 541 21.82 8.85 -24.90
N LYS A 542 22.99 9.38 -24.53
CA LYS A 542 24.05 8.57 -23.96
C LYS A 542 24.36 9.05 -22.54
N ASN A 543 24.74 8.09 -21.69
CA ASN A 543 25.22 8.35 -20.33
C ASN A 543 24.15 8.90 -19.38
N MET A 544 23.81 8.14 -18.35
CA MET A 544 22.79 8.56 -17.40
C MET A 544 22.89 7.69 -16.15
N THR A 545 22.78 8.32 -14.97
CA THR A 545 22.93 7.68 -13.67
C THR A 545 21.75 8.08 -12.80
N ILE A 546 21.17 7.14 -12.07
CA ILE A 546 19.93 7.42 -11.34
C ILE A 546 19.95 6.74 -9.98
N GLU A 547 20.31 7.49 -8.93
CA GLU A 547 20.68 6.88 -7.65
C GLU A 547 20.38 7.81 -6.49
N GLY A 548 20.42 7.25 -5.28
CA GLY A 548 20.11 7.96 -4.04
C GLY A 548 18.64 8.24 -3.83
N ASN A 549 17.81 7.94 -4.81
CA ASN A 549 16.44 8.42 -4.85
C ASN A 549 15.52 7.51 -4.04
N THR A 550 14.58 8.12 -3.34
CA THR A 550 13.45 7.39 -2.79
C THR A 550 12.25 7.64 -3.69
N PHE A 551 11.53 6.56 -4.03
CA PHE A 551 10.33 6.64 -4.86
C PHE A 551 9.12 6.11 -4.09
N TYR A 552 7.96 6.70 -4.31
CA TYR A 552 6.70 6.23 -3.74
C TYR A 552 5.73 5.97 -4.86
N VAL A 553 5.29 4.73 -4.98
CA VAL A 553 4.50 4.29 -6.14
C VAL A 553 3.14 3.83 -5.66
N ASN A 554 2.14 4.02 -6.53
CA ASN A 554 0.87 3.32 -6.46
C ASN A 554 0.65 2.56 -7.76
N GLY A 555 1.52 1.58 -8.02
CA GLY A 555 1.43 0.75 -9.20
C GLY A 555 1.70 1.58 -10.43
N ASN A 556 2.86 2.22 -10.47
CA ASN A 556 3.18 3.05 -11.60
C ASN A 556 4.61 2.79 -12.02
N ARG A 557 4.97 3.39 -13.14
CA ARG A 557 6.32 3.25 -13.63
C ARG A 557 7.23 4.24 -12.89
N VAL A 558 8.35 3.72 -12.38
CA VAL A 558 9.39 4.55 -11.79
C VAL A 558 10.30 5.11 -12.88
N LEU A 559 10.78 4.23 -13.78
CA LEU A 559 11.53 4.60 -14.97
C LEU A 559 10.77 4.15 -16.22
N ASN A 560 10.94 4.91 -17.32
CA ASN A 560 10.35 4.60 -18.62
C ASN A 560 11.33 5.11 -19.68
N ALA A 561 12.40 4.35 -19.89
CA ALA A 561 13.47 4.75 -20.81
C ALA A 561 12.99 4.76 -22.26
N LYS A 562 13.82 5.33 -23.13
CA LYS A 562 13.65 5.24 -24.58
C LYS A 562 14.90 5.78 -25.28
N SER A 563 15.75 4.89 -25.79
CA SER A 563 17.02 5.20 -26.44
C SER A 563 17.96 5.93 -25.47
N VAL A 564 18.35 5.18 -24.44
CA VAL A 564 19.38 5.56 -23.50
C VAL A 564 20.52 4.54 -23.63
N SER A 565 21.72 4.94 -23.21
CA SER A 565 22.86 4.03 -23.16
C SER A 565 23.72 4.35 -21.95
N ASP A 566 24.48 3.36 -21.51
CA ASP A 566 25.21 3.39 -20.24
C ASP A 566 24.36 4.03 -19.14
N LEU A 567 23.16 3.49 -19.00
CA LEU A 567 22.15 3.87 -18.03
C LEU A 567 22.34 3.08 -16.74
N THR A 568 22.05 3.72 -15.60
CA THR A 568 22.29 3.14 -14.29
C THR A 568 21.13 3.41 -13.35
N PHE A 569 20.73 2.42 -12.56
CA PHE A 569 19.62 2.61 -11.64
C PHE A 569 19.97 1.93 -10.32
N ARG A 570 20.79 2.59 -9.53
CA ARG A 570 21.34 1.98 -8.32
C ARG A 570 20.95 2.75 -7.07
N ASP A 571 21.09 2.09 -5.93
CA ASP A 571 21.02 2.67 -4.59
C ASP A 571 19.65 3.23 -4.23
N ASN A 572 18.64 3.16 -5.11
CA ASN A 572 17.33 3.78 -4.90
C ASN A 572 16.50 3.03 -3.85
N LYS A 573 15.31 3.55 -3.57
CA LYS A 573 14.39 2.94 -2.62
C LYS A 573 12.96 3.19 -3.11
N ILE A 574 12.11 2.16 -3.04
CA ILE A 574 10.74 2.21 -3.51
C ILE A 574 9.81 1.70 -2.42
N TYR A 575 8.69 2.40 -2.19
CA TYR A 575 7.70 2.00 -1.20
C TYR A 575 6.31 2.06 -1.82
N ARG A 576 5.38 1.28 -1.28
CA ARG A 576 4.01 1.38 -1.76
C ARG A 576 3.36 2.59 -1.12
N GLU A 577 2.72 3.43 -1.94
CA GLU A 577 2.27 4.73 -1.46
C GLU A 577 1.25 4.58 -0.34
N ASN A 578 0.26 3.73 -0.54
CA ASN A 578 -0.84 3.68 0.42
C ASN A 578 -0.50 2.75 1.58
N PRO A 579 -0.75 3.16 2.84
CA PRO A 579 -0.46 2.31 3.99
C PRO A 579 -1.18 0.94 3.95
N GLN A 609 -2.03 -11.46 -9.17
CA GLN A 609 -2.99 -10.59 -8.47
C GLN A 609 -2.60 -9.08 -8.52
N VAL A 610 -3.42 -8.29 -9.22
CA VAL A 610 -3.44 -6.81 -9.34
C VAL A 610 -3.10 -6.41 -10.78
N SER A 611 -3.47 -5.18 -11.14
CA SER A 611 -2.89 -4.50 -12.27
C SER A 611 -2.02 -3.36 -11.74
N GLY A 612 -1.54 -2.53 -12.64
CA GLY A 612 -0.54 -1.54 -12.28
C GLY A 612 0.80 -1.95 -12.84
N SER A 613 1.45 -1.05 -13.57
CA SER A 613 2.57 -1.41 -14.42
C SER A 613 3.75 -1.92 -13.60
N ARG A 614 4.60 -2.72 -14.25
CA ARG A 614 5.89 -3.04 -13.68
C ARG A 614 6.70 -1.76 -13.60
N LEU A 615 7.58 -1.66 -12.62
CA LEU A 615 8.17 -0.36 -12.31
C LEU A 615 9.07 0.15 -13.44
N PHE A 616 9.71 -0.74 -14.21
CA PHE A 616 10.68 -0.34 -15.23
C PHE A 616 10.24 -0.75 -16.63
N ARG A 617 10.39 0.17 -17.59
CA ARG A 617 10.12 -0.08 -19.00
C ARG A 617 11.22 0.55 -19.83
N LEU A 618 11.77 -0.19 -20.78
CA LEU A 618 12.90 0.28 -21.55
C LEU A 618 12.66 -0.03 -23.02
N ASN A 619 12.80 0.98 -23.88
CA ASN A 619 12.58 0.84 -25.32
C ASN A 619 13.85 1.25 -26.07
N GLY A 620 14.65 0.26 -26.49
CA GLY A 620 15.79 0.50 -27.34
C GLY A 620 17.00 1.06 -26.63
N CYS A 621 17.42 0.39 -25.56
CA CYS A 621 18.48 0.84 -24.67
C CYS A 621 19.68 -0.08 -24.73
N LYS A 622 20.79 0.40 -24.17
CA LYS A 622 22.04 -0.34 -24.17
C LYS A 622 22.70 -0.19 -22.80
N GLN A 623 23.60 -1.12 -22.48
CA GLN A 623 24.39 -1.04 -21.25
C GLN A 623 23.60 -0.51 -20.06
N VAL A 624 22.38 -0.99 -19.88
CA VAL A 624 21.63 -0.74 -18.65
C VAL A 624 22.27 -1.56 -17.53
N VAL A 625 22.12 -1.09 -16.29
CA VAL A 625 22.53 -1.84 -15.10
C VAL A 625 21.52 -1.59 -13.98
N PHE A 626 21.34 -2.59 -13.12
CA PHE A 626 20.64 -2.39 -11.86
C PHE A 626 21.53 -2.89 -10.73
N GLY A 627 21.36 -2.32 -9.55
CA GLY A 627 22.34 -2.62 -8.52
C GLY A 627 22.11 -2.02 -7.15
N GLY A 628 21.48 -2.79 -6.26
CA GLY A 628 21.31 -2.39 -4.88
C GLY A 628 20.20 -1.39 -4.64
N ASN A 629 18.95 -1.83 -4.82
CA ASN A 629 17.74 -1.03 -4.58
C ASN A 629 16.93 -1.66 -3.44
N THR A 630 15.85 -0.99 -3.04
CA THR A 630 15.00 -1.43 -1.94
C THR A 630 13.56 -1.40 -2.43
N TYR A 631 13.05 -2.54 -2.90
CA TYR A 631 11.69 -2.65 -3.39
C TYR A 631 10.79 -3.20 -2.29
N ASP A 632 9.78 -2.43 -1.91
CA ASP A 632 8.80 -2.76 -0.89
C ASP A 632 8.07 -4.07 -1.22
N VAL A 633 7.41 -4.65 -0.22
CA VAL A 633 6.56 -5.80 -0.48
C VAL A 633 5.31 -5.34 -1.21
N GLY A 634 4.94 -6.09 -2.24
CA GLY A 634 3.75 -5.78 -3.01
C GLY A 634 4.03 -5.07 -4.33
N VAL A 635 5.23 -4.54 -4.52
CA VAL A 635 5.57 -3.81 -5.75
C VAL A 635 5.92 -4.80 -6.85
N LYS A 636 5.64 -4.42 -8.10
CA LYS A 636 5.99 -5.24 -9.26
C LYS A 636 7.41 -4.85 -9.68
N ALA A 637 8.40 -5.47 -9.04
CA ALA A 637 9.82 -5.18 -9.28
C ALA A 637 10.29 -5.97 -10.49
N GLY A 638 9.79 -5.54 -11.65
CA GLY A 638 10.13 -6.15 -12.92
C GLY A 638 10.40 -5.11 -13.99
N ILE A 639 10.65 -5.61 -15.19
CA ILE A 639 11.13 -4.78 -16.30
C ILE A 639 10.45 -5.23 -17.59
N ASP A 640 9.92 -4.29 -18.36
CA ASP A 640 9.38 -4.53 -19.69
C ASP A 640 10.37 -4.06 -20.74
N LEU A 641 10.86 -4.97 -21.59
CA LEU A 641 11.67 -4.52 -22.70
C LEU A 641 10.78 -4.27 -23.92
N ALA A 642 11.36 -3.62 -24.92
CA ALA A 642 10.64 -3.22 -26.13
C ALA A 642 11.66 -2.77 -27.17
N ASN A 643 11.55 -3.28 -28.41
CA ASN A 643 12.55 -3.05 -29.46
C ASN A 643 13.96 -3.14 -28.89
N MET A 644 14.24 -4.25 -28.21
CA MET A 644 15.38 -4.33 -27.33
C MET A 644 15.50 -5.73 -26.75
N GLY A 645 16.72 -6.25 -26.59
CA GLY A 645 16.95 -7.58 -26.02
C GLY A 645 17.57 -7.57 -24.64
N ALA A 646 17.25 -8.60 -23.83
CA ALA A 646 17.68 -8.63 -22.44
C ALA A 646 19.18 -8.84 -22.27
N SER A 647 19.91 -9.08 -23.37
CA SER A 647 21.37 -8.99 -23.38
C SER A 647 21.89 -7.58 -23.05
N GLU A 648 21.01 -6.60 -22.78
CA GLU A 648 21.39 -5.22 -22.54
C GLU A 648 21.14 -4.78 -21.10
N VAL A 649 20.81 -5.71 -20.21
CA VAL A 649 20.46 -5.37 -18.85
C VAL A 649 21.33 -6.22 -17.94
N ASN A 650 21.65 -5.68 -16.76
CA ASN A 650 22.65 -6.24 -15.86
C ASN A 650 22.06 -6.37 -14.46
N VAL A 651 20.96 -7.10 -14.33
CA VAL A 651 20.27 -7.21 -13.05
C VAL A 651 21.00 -8.25 -12.20
N SER A 652 22.27 -8.47 -12.51
CA SER A 652 23.07 -9.42 -11.75
C SER A 652 23.18 -9.01 -10.30
N ASP A 653 23.10 -7.71 -10.01
CA ASP A 653 23.35 -7.16 -8.69
C ASP A 653 22.06 -6.62 -8.07
N ASP A 654 20.92 -7.17 -8.47
CA ASP A 654 19.64 -6.55 -8.20
C ASP A 654 18.54 -7.60 -8.32
N SER A 655 17.44 -7.35 -7.59
CA SER A 655 16.30 -8.27 -7.56
C SER A 655 15.19 -7.85 -8.52
N ALA A 656 15.50 -6.97 -9.47
CA ALA A 656 14.54 -6.77 -10.53
C ALA A 656 14.55 -8.00 -11.44
N LYS A 657 13.42 -8.19 -12.12
CA LYS A 657 13.19 -9.33 -13.00
C LYS A 657 12.96 -8.83 -14.42
N VAL A 658 13.70 -9.37 -15.38
CA VAL A 658 13.58 -8.99 -16.78
C VAL A 658 12.40 -9.76 -17.36
N GLY A 659 11.28 -9.06 -17.59
CA GLY A 659 10.12 -9.61 -18.25
C GLY A 659 9.03 -10.11 -17.32
N ALA A 660 9.33 -10.37 -16.06
CA ALA A 660 8.36 -10.89 -15.12
C ALA A 660 7.84 -9.76 -14.24
N ASP A 661 6.70 -10.01 -13.60
CA ASP A 661 6.25 -9.05 -12.60
C ASP A 661 7.27 -8.92 -11.48
N GLY A 662 7.80 -10.04 -11.02
CA GLY A 662 8.74 -10.01 -9.90
C GLY A 662 8.15 -9.51 -8.60
N LEU A 663 6.84 -9.72 -8.37
CA LEU A 663 6.11 -9.18 -7.23
C LEU A 663 6.78 -9.55 -5.89
N VAL A 664 7.18 -8.54 -5.11
CA VAL A 664 8.08 -8.80 -3.98
C VAL A 664 7.27 -9.40 -2.82
N PRO A 665 7.77 -10.46 -2.14
CA PRO A 665 7.01 -11.10 -1.03
C PRO A 665 7.53 -10.75 0.35
N LEU A 666 7.21 -11.56 1.36
CA LEU A 666 7.44 -11.15 2.77
C LEU A 666 8.71 -11.59 3.52
N GLY B 18 -19.90 2.83 37.03
CA GLY B 18 -18.96 1.77 37.33
C GLY B 18 -17.53 2.25 37.51
N ASP B 19 -16.89 1.80 38.58
CA ASP B 19 -15.55 2.25 38.96
C ASP B 19 -14.49 1.50 38.16
N VAL B 20 -13.32 2.13 37.97
CA VAL B 20 -12.22 1.61 37.15
C VAL B 20 -10.93 1.55 37.97
N VAL B 21 -10.24 0.40 37.94
CA VAL B 21 -9.06 0.16 38.76
C VAL B 21 -7.84 0.04 37.86
N SER B 22 -6.71 0.62 38.29
CA SER B 22 -5.47 0.52 37.53
C SER B 22 -4.54 -0.50 38.14
N VAL B 23 -3.87 -1.27 37.29
CA VAL B 23 -2.87 -2.22 37.78
C VAL B 23 -1.65 -1.51 38.30
N ALA B 24 -1.49 -0.23 37.94
CA ALA B 24 -0.32 0.51 38.38
C ALA B 24 -0.34 0.76 39.90
N ASP B 25 -1.51 1.12 40.45
CA ASP B 25 -1.64 1.43 41.87
C ASP B 25 -1.28 0.25 42.77
N TYR B 26 -1.07 -0.95 42.20
CA TYR B 26 -0.79 -2.14 42.99
C TYR B 26 0.57 -2.73 42.64
N GLY B 27 1.49 -1.91 42.13
CA GLY B 27 2.90 -2.26 42.16
C GLY B 27 3.54 -2.66 40.86
N ALA B 28 2.95 -2.33 39.72
CA ALA B 28 3.60 -2.59 38.44
C ALA B 28 3.03 -1.61 37.43
N ALA B 29 3.90 -0.77 36.87
CA ALA B 29 3.57 0.04 35.71
C ALA B 29 4.49 -0.36 34.57
N ALA B 30 4.23 0.22 33.41
CA ALA B 30 4.62 -0.39 32.15
C ALA B 30 6.13 -0.37 31.95
N ASP B 31 6.56 -1.18 30.99
CA ASP B 31 7.85 -1.09 30.31
C ASP B 31 9.02 -1.29 31.24
N SER B 32 8.74 -1.51 32.53
CA SER B 32 9.80 -1.64 33.53
C SER B 32 10.65 -2.87 33.25
N GLY B 33 10.07 -4.06 33.37
CA GLY B 33 10.84 -5.27 33.40
C GLY B 33 10.84 -5.82 34.81
N GLU B 34 9.75 -6.49 35.13
CA GLU B 34 9.45 -6.83 36.51
C GLU B 34 8.16 -7.63 36.58
N ASP B 35 8.15 -8.67 37.42
CA ASP B 35 6.96 -9.47 37.65
C ASP B 35 5.81 -8.56 38.03
N SER B 36 4.84 -8.46 37.13
CA SER B 36 3.61 -7.73 37.36
C SER B 36 2.47 -8.65 37.81
N ALA B 37 2.72 -9.95 37.86
CA ALA B 37 1.73 -10.89 38.40
C ALA B 37 1.25 -10.47 39.77
N PRO B 38 2.12 -10.16 40.75
CA PRO B 38 1.59 -9.85 42.09
C PRO B 38 0.73 -8.60 42.09
N ALA B 39 1.11 -7.59 41.30
CA ALA B 39 0.22 -6.44 41.11
C ALA B 39 -1.13 -6.90 40.59
N ILE B 40 -1.13 -7.76 39.56
CA ILE B 40 -2.36 -8.15 38.88
C ILE B 40 -3.32 -8.81 39.85
N ILE B 41 -2.83 -9.72 40.71
CA ILE B 41 -3.73 -10.40 41.64
C ILE B 41 -4.39 -9.38 42.54
N LYS B 42 -3.60 -8.48 43.14
CA LYS B 42 -4.13 -7.49 44.08
C LYS B 42 -5.14 -6.60 43.42
N ALA B 43 -4.81 -6.09 42.23
CA ALA B 43 -5.78 -5.35 41.42
C ALA B 43 -7.08 -6.14 41.28
N VAL B 44 -6.96 -7.44 40.94
CA VAL B 44 -8.13 -8.25 40.64
C VAL B 44 -8.98 -8.49 41.88
N ASP B 45 -8.34 -8.67 43.04
CA ASP B 45 -9.10 -8.75 44.27
C ASP B 45 -9.93 -7.50 44.50
N LYS B 46 -9.36 -6.32 44.23
CA LYS B 46 -10.11 -5.09 44.38
C LYS B 46 -11.32 -5.06 43.45
N ALA B 47 -11.16 -5.57 42.22
CA ALA B 47 -12.27 -5.60 41.27
C ALA B 47 -13.34 -6.61 41.65
N LYS B 48 -13.02 -7.64 42.44
CA LYS B 48 -14.06 -8.53 42.90
C LYS B 48 -14.90 -7.84 43.96
N GLU B 49 -14.28 -7.13 44.90
CA GLU B 49 -15.04 -6.39 45.91
C GLU B 49 -16.08 -5.50 45.26
N LEU B 50 -15.65 -4.66 44.33
CA LEU B 50 -16.57 -3.73 43.70
C LEU B 50 -17.65 -4.47 42.92
N ALA B 51 -17.30 -5.61 42.33
CA ALA B 51 -18.31 -6.41 41.66
C ALA B 51 -19.29 -7.01 42.65
N ALA B 52 -18.78 -7.44 43.82
CA ALA B 52 -19.68 -7.99 44.84
C ALA B 52 -20.51 -6.90 45.48
N GLU B 53 -20.01 -5.67 45.44
CA GLU B 53 -20.88 -4.52 45.69
C GLU B 53 -21.97 -4.38 44.63
N GLY B 54 -21.77 -4.95 43.45
CA GLY B 54 -22.70 -4.82 42.35
C GLY B 54 -22.35 -3.77 41.33
N LYS B 55 -21.10 -3.33 41.28
CA LYS B 55 -20.65 -2.31 40.33
C LYS B 55 -19.97 -2.99 39.15
N ASN B 56 -19.91 -2.27 38.04
CA ASN B 56 -19.25 -2.80 36.85
C ASN B 56 -17.81 -2.29 36.83
N VAL B 57 -16.84 -3.20 36.94
CA VAL B 57 -15.46 -2.82 37.12
C VAL B 57 -14.63 -3.13 35.88
N THR B 58 -13.61 -2.31 35.65
CA THR B 58 -12.67 -2.50 34.56
C THR B 58 -11.26 -2.48 35.11
N ILE B 59 -10.51 -3.56 34.87
CA ILE B 59 -9.07 -3.60 35.17
C ILE B 59 -8.31 -2.96 34.02
N ALA B 60 -7.53 -1.93 34.32
CA ALA B 60 -6.92 -1.13 33.28
C ALA B 60 -5.40 -1.21 33.37
N PHE B 61 -4.78 -1.61 32.27
CA PHE B 61 -3.34 -1.54 32.13
C PHE B 61 -3.08 -0.33 31.25
N PRO B 62 -2.46 0.72 31.74
CA PRO B 62 -2.03 1.79 30.83
C PRO B 62 -1.03 1.23 29.83
N LYS B 63 -0.95 1.84 28.65
CA LYS B 63 -0.34 1.16 27.50
C LYS B 63 1.14 0.91 27.72
N GLY B 64 1.61 -0.22 27.18
CA GLY B 64 3.00 -0.61 27.27
C GLY B 64 3.15 -2.06 27.68
N ARG B 65 4.40 -2.47 27.83
CA ARG B 65 4.72 -3.87 28.10
C ARG B 65 4.62 -4.18 29.59
N TYR B 66 4.06 -5.33 29.94
CA TYR B 66 3.98 -5.77 31.34
C TYR B 66 4.40 -7.23 31.45
N ASP B 67 5.45 -7.53 32.19
CA ASP B 67 5.88 -8.92 32.29
C ASP B 67 5.10 -9.65 33.37
N ILE B 68 4.71 -10.90 33.07
CA ILE B 68 3.89 -11.76 33.95
C ILE B 68 4.63 -13.08 34.15
N TYR B 69 5.25 -13.27 35.35
CA TYR B 69 6.01 -14.48 35.63
C TYR B 69 5.13 -15.55 36.28
N PRO B 70 5.47 -16.82 36.09
CA PRO B 70 4.67 -17.89 36.69
C PRO B 70 4.91 -18.02 38.16
N ASP B 71 6.03 -17.49 38.66
CA ASP B 71 6.46 -17.72 40.03
C ASP B 71 5.35 -17.50 41.03
N LYS B 72 5.07 -16.24 41.32
CA LYS B 72 4.08 -15.96 42.35
C LYS B 72 2.68 -15.78 41.78
N ALA B 73 2.40 -16.34 40.60
CA ALA B 73 1.07 -16.28 39.99
C ALA B 73 0.18 -17.42 40.51
N GLU B 74 -1.14 -17.25 40.36
CA GLU B 74 -2.11 -18.18 40.96
C GLU B 74 -1.88 -19.63 40.50
N ARG B 75 -2.23 -20.58 41.36
CA ARG B 75 -2.03 -21.99 41.06
C ARG B 75 -3.34 -22.75 41.28
N ARG B 76 -3.63 -23.69 40.38
CA ARG B 76 -4.89 -24.41 40.34
C ARG B 76 -4.72 -25.86 39.91
N THR B 77 -5.44 -26.76 40.57
CA THR B 77 -5.55 -28.15 40.12
C THR B 77 -6.75 -28.26 39.18
N LEU B 78 -6.47 -28.52 37.90
CA LEU B 78 -7.46 -28.36 36.86
C LEU B 78 -7.21 -29.40 35.80
N TYR B 79 -8.18 -30.28 35.59
CA TYR B 79 -8.16 -31.20 34.47
C TYR B 79 -8.91 -30.56 33.31
N VAL B 80 -8.20 -30.31 32.22
CA VAL B 80 -8.73 -29.62 31.06
C VAL B 80 -8.91 -30.64 29.95
N SER B 81 -9.82 -30.36 29.04
CA SER B 81 -10.04 -31.28 27.93
C SER B 81 -8.94 -31.14 26.90
N ASN B 82 -8.65 -32.26 26.22
CA ASN B 82 -7.70 -32.29 25.10
C ASN B 82 -6.30 -31.83 25.47
N THR B 83 -5.91 -32.01 26.73
CA THR B 83 -4.57 -31.66 27.16
C THR B 83 -3.86 -32.94 27.55
N VAL B 84 -3.91 -33.38 28.82
CA VAL B 84 -3.14 -34.52 29.28
C VAL B 84 -3.98 -35.38 30.23
N GLY B 85 -5.29 -35.17 30.22
CA GLY B 85 -6.18 -36.06 30.94
C GLY B 85 -5.85 -36.08 32.41
N THR B 86 -5.61 -37.27 32.94
CA THR B 86 -5.47 -37.45 34.38
C THR B 86 -4.02 -37.52 34.82
N ASN B 87 -3.12 -36.84 34.11
CA ASN B 87 -1.70 -37.01 34.38
C ASN B 87 -1.36 -36.25 35.65
N SER B 88 -1.00 -36.99 36.69
CA SER B 88 -0.64 -36.35 37.95
C SER B 88 0.60 -35.48 37.83
N SER B 89 1.40 -35.65 36.77
CA SER B 89 2.64 -34.88 36.62
C SER B 89 2.36 -33.41 36.33
N TYR B 90 1.29 -33.09 35.61
CA TYR B 90 0.93 -31.72 35.27
C TYR B 90 -0.45 -31.35 35.79
N LYS B 91 -0.84 -31.91 36.94
CA LYS B 91 -2.19 -31.66 37.43
C LYS B 91 -2.38 -30.22 37.84
N ASP B 92 -1.32 -29.51 38.24
CA ASP B 92 -1.38 -28.13 38.68
C ASP B 92 -0.98 -27.16 37.57
N LYS B 93 -1.82 -26.18 37.30
CA LYS B 93 -1.53 -25.13 36.33
C LYS B 93 -1.10 -23.84 37.04
N LYS B 94 -0.55 -22.90 36.26
CA LYS B 94 -0.19 -21.58 36.75
C LYS B 94 -0.86 -20.58 35.82
N ILE B 95 -1.85 -19.84 36.34
CA ILE B 95 -2.68 -18.92 35.56
C ILE B 95 -2.20 -17.48 35.82
N GLY B 96 -2.00 -16.72 34.75
CA GLY B 96 -1.41 -15.39 34.87
C GLY B 96 -2.39 -14.31 35.28
N ILE B 97 -3.53 -14.27 34.59
CA ILE B 97 -4.66 -13.45 34.97
C ILE B 97 -5.84 -14.39 35.15
N LEU B 98 -6.22 -14.68 36.39
CA LEU B 98 -7.34 -15.58 36.65
C LEU B 98 -8.53 -14.79 37.18
N LEU B 99 -9.73 -15.29 36.89
CA LEU B 99 -10.98 -14.69 37.39
C LEU B 99 -11.85 -15.83 37.93
N GLU B 100 -11.75 -16.09 39.23
CA GLU B 100 -12.51 -17.16 39.85
C GLU B 100 -13.68 -16.57 40.63
N ASP B 101 -14.86 -17.10 40.37
CA ASP B 101 -16.06 -16.82 41.16
C ASP B 101 -16.30 -15.32 41.31
N THR B 102 -16.42 -14.63 40.18
CA THR B 102 -16.76 -13.21 40.17
C THR B 102 -17.60 -12.91 38.93
N LYS B 103 -17.91 -11.63 38.71
CA LYS B 103 -18.84 -11.26 37.65
C LYS B 103 -18.64 -9.78 37.29
N ASN B 104 -19.12 -9.40 36.12
CA ASN B 104 -19.26 -7.99 35.73
C ASN B 104 -17.91 -7.26 35.68
N ILE B 105 -16.97 -7.78 34.86
CA ILE B 105 -15.59 -7.28 34.86
C ILE B 105 -15.07 -7.29 33.42
N THR B 106 -14.15 -6.37 33.14
CA THR B 106 -13.51 -6.26 31.83
C THR B 106 -12.04 -6.01 32.05
N VAL B 107 -11.17 -6.93 31.58
CA VAL B 107 -9.73 -6.72 31.58
C VAL B 107 -9.38 -5.95 30.31
N ASP B 108 -9.01 -4.66 30.45
CA ASP B 108 -8.67 -3.82 29.31
C ASP B 108 -7.16 -3.54 29.31
N GLY B 109 -6.45 -4.05 28.30
CA GLY B 109 -5.02 -3.87 28.25
C GLY B 109 -4.58 -2.60 27.59
N GLN B 110 -5.54 -1.87 27.01
CA GLN B 110 -5.31 -0.58 26.38
C GLN B 110 -4.14 -0.64 25.42
N GLY B 111 -4.09 -1.72 24.64
CA GLY B 111 -3.02 -1.92 23.71
C GLY B 111 -1.73 -2.38 24.33
N SER B 112 -1.77 -2.94 25.53
CA SER B 112 -0.52 -3.37 26.17
C SER B 112 0.08 -4.55 25.42
N ASP B 113 1.24 -4.99 25.89
CA ASP B 113 1.87 -6.22 25.40
C ASP B 113 2.32 -7.02 26.60
N PHE B 114 1.66 -8.14 26.83
CA PHE B 114 1.97 -8.99 27.97
C PHE B 114 3.01 -10.00 27.52
N VAL B 115 3.92 -10.34 28.42
CA VAL B 115 5.03 -11.23 28.10
C VAL B 115 5.16 -12.24 29.24
N PHE B 116 4.73 -13.47 28.98
CA PHE B 116 4.73 -14.54 29.96
C PHE B 116 6.02 -15.33 29.85
N HIS B 117 6.40 -16.01 30.93
CA HIS B 117 7.73 -16.58 31.03
C HIS B 117 7.69 -18.06 31.38
N GLY B 118 8.51 -18.84 30.67
CA GLY B 118 8.52 -20.28 30.84
C GLY B 118 7.20 -20.91 30.42
N LYS B 119 6.74 -21.89 31.20
CA LYS B 119 5.51 -22.61 30.90
C LYS B 119 4.45 -22.25 31.91
N MET B 120 3.35 -21.65 31.44
CA MET B 120 2.18 -21.37 32.26
C MET B 120 1.03 -21.04 31.33
N THR B 121 -0.15 -20.84 31.92
CA THR B 121 -1.34 -20.40 31.19
C THR B 121 -1.45 -18.89 31.25
N THR B 122 -1.81 -18.25 30.12
CA THR B 122 -1.78 -16.79 30.08
C THR B 122 -2.91 -16.16 30.90
N PHE B 123 -4.18 -16.43 30.56
CA PHE B 123 -5.30 -16.02 31.43
C PHE B 123 -6.36 -17.12 31.53
N ALA B 124 -7.40 -16.85 32.30
CA ALA B 124 -8.45 -17.83 32.53
C ALA B 124 -9.61 -17.15 33.26
N ALA B 125 -10.80 -17.76 33.16
CA ALA B 125 -12.00 -17.30 33.88
C ALA B 125 -12.83 -18.50 34.30
N ILE B 126 -13.06 -18.65 35.62
CA ILE B 126 -13.75 -19.79 36.24
C ILE B 126 -14.93 -19.28 37.06
N ASN B 127 -16.08 -19.95 36.93
CA ASN B 127 -17.29 -19.60 37.69
C ASN B 127 -17.54 -18.08 37.70
N SER B 128 -17.31 -17.46 36.54
CA SER B 128 -17.53 -16.04 36.33
C SER B 128 -18.56 -15.83 35.22
N ARG B 129 -19.44 -14.83 35.37
CA ARG B 129 -20.39 -14.50 34.31
C ARG B 129 -20.27 -13.02 33.97
N ASN B 130 -20.37 -12.70 32.67
CA ASN B 130 -20.32 -11.33 32.17
C ASN B 130 -18.91 -10.73 32.20
N VAL B 131 -17.88 -11.52 31.90
CA VAL B 131 -16.50 -11.05 31.95
C VAL B 131 -15.94 -10.97 30.53
N THR B 132 -15.01 -10.02 30.32
CA THR B 132 -14.58 -9.62 28.98
C THR B 132 -13.09 -9.27 28.96
N PHE B 133 -12.32 -9.86 28.01
CA PHE B 133 -10.88 -9.61 27.85
C PHE B 133 -10.61 -8.90 26.52
N LYS B 134 -10.05 -7.70 26.57
CA LYS B 134 -9.85 -6.89 25.37
C LYS B 134 -8.47 -6.25 25.37
N ASN B 135 -7.76 -6.35 24.24
CA ASN B 135 -6.62 -5.50 23.88
C ASN B 135 -5.30 -5.85 24.57
N PHE B 136 -4.74 -6.99 24.23
CA PHE B 136 -3.43 -7.34 24.75
C PHE B 136 -2.47 -7.56 23.62
N SER B 137 -1.32 -8.12 23.98
CA SER B 137 -0.41 -8.76 23.06
C SER B 137 0.17 -9.95 23.80
N VAL B 138 -0.47 -11.11 23.67
CA VAL B 138 -0.06 -12.31 24.40
C VAL B 138 1.15 -12.93 23.71
N ASP B 139 2.25 -13.02 24.46
CA ASP B 139 3.52 -13.51 23.96
C ASP B 139 4.31 -14.05 25.15
N PHE B 140 5.26 -14.94 24.86
CA PHE B 140 6.15 -15.50 25.86
C PHE B 140 7.58 -15.02 25.64
N GLN B 141 8.39 -15.06 26.69
CA GLN B 141 9.75 -14.53 26.55
C GLN B 141 10.59 -15.44 25.67
N VAL B 142 10.52 -16.76 25.85
CA VAL B 142 11.29 -17.71 25.05
C VAL B 142 10.37 -18.79 24.52
N PRO B 143 10.01 -18.76 23.25
CA PRO B 143 8.97 -19.68 22.75
C PRO B 143 9.40 -21.13 22.80
N THR B 144 8.42 -22.01 23.03
CA THR B 144 8.72 -23.42 23.26
C THR B 144 8.74 -24.25 21.99
N VAL B 145 8.33 -23.68 20.86
CA VAL B 145 8.53 -24.27 19.55
C VAL B 145 9.77 -23.61 18.97
N ILE B 146 10.76 -24.42 18.60
CA ILE B 146 12.07 -23.93 18.18
C ILE B 146 12.20 -24.09 16.69
N ASP B 147 12.38 -22.98 15.99
CA ASP B 147 12.42 -22.94 14.52
C ASP B 147 13.87 -22.91 14.07
N LEU B 148 14.31 -23.95 13.36
CA LEU B 148 15.69 -24.08 12.93
C LEU B 148 15.73 -24.26 11.41
N THR B 149 15.97 -23.19 10.67
CA THR B 149 16.06 -23.27 9.22
C THR B 149 17.46 -23.70 8.79
N VAL B 150 17.56 -24.76 7.96
CA VAL B 150 18.85 -25.13 7.37
C VAL B 150 19.12 -24.24 6.16
N GLU B 151 20.38 -23.80 5.99
CA GLU B 151 20.66 -22.84 4.94
C GLU B 151 21.84 -23.19 4.04
N LYS B 152 22.45 -24.36 4.19
CA LYS B 152 23.55 -24.79 3.35
C LYS B 152 23.88 -26.22 3.72
N VAL B 153 24.19 -27.04 2.72
CA VAL B 153 24.59 -28.42 2.95
C VAL B 153 25.78 -28.72 2.06
N ASP B 154 26.73 -29.50 2.58
CA ASP B 154 27.81 -30.11 1.81
C ASP B 154 27.65 -31.62 1.82
N ALA B 155 28.13 -32.27 0.77
CA ALA B 155 28.25 -33.72 0.83
C ALA B 155 29.58 -34.12 1.45
N GLY B 156 30.70 -33.79 0.78
CA GLY B 156 32.02 -34.15 1.28
C GLY B 156 32.40 -33.44 2.56
N ALA B 157 31.75 -32.32 2.88
CA ALA B 157 32.01 -31.64 4.14
C ALA B 157 30.94 -31.91 5.20
N LYS B 158 29.72 -32.27 4.79
CA LYS B 158 28.65 -32.58 5.73
C LYS B 158 28.31 -31.38 6.62
N THR B 159 28.24 -30.19 6.01
CA THR B 159 27.81 -29.04 6.81
C THR B 159 26.30 -28.97 6.89
N ALA B 160 25.84 -28.13 7.80
CA ALA B 160 24.44 -27.75 7.84
C ALA B 160 24.34 -26.40 8.53
N THR B 161 24.56 -25.32 7.81
CA THR B 161 24.38 -24.00 8.38
C THR B 161 22.95 -23.83 8.86
N VAL B 162 22.77 -23.69 10.18
CA VAL B 162 21.47 -23.61 10.81
C VAL B 162 21.31 -22.23 11.45
N TYR B 163 20.30 -21.47 11.00
CA TYR B 163 19.97 -20.17 11.58
C TYR B 163 19.13 -20.39 12.84
N VAL B 164 19.63 -19.97 13.98
CA VAL B 164 18.92 -20.16 15.24
C VAL B 164 18.44 -18.79 15.70
N PRO B 165 17.13 -18.50 15.68
CA PRO B 165 16.66 -17.14 15.97
C PRO B 165 17.05 -16.69 17.36
N GLU B 166 17.20 -15.37 17.53
CA GLU B 166 17.64 -14.77 18.78
C GLU B 166 17.03 -15.47 19.99
N GLU B 167 15.70 -15.66 19.98
CA GLU B 167 14.95 -16.02 21.18
C GLU B 167 15.52 -17.26 21.85
N TYR B 168 15.98 -18.23 21.07
CA TYR B 168 16.32 -19.53 21.62
C TYR B 168 17.72 -19.49 22.23
N ASN B 169 17.81 -19.83 23.52
CA ASN B 169 19.07 -19.78 24.24
C ASN B 169 19.72 -21.15 24.18
N TYR B 170 20.95 -21.22 23.66
CA TYR B 170 21.60 -22.52 23.53
C TYR B 170 23.03 -22.45 24.05
N ARG B 171 23.58 -23.63 24.39
CA ARG B 171 25.01 -23.77 24.64
C ARG B 171 25.42 -25.14 24.11
N LEU B 172 26.62 -25.21 23.53
CA LEU B 172 27.04 -26.40 22.80
C LEU B 172 28.06 -27.18 23.61
N SER B 173 27.90 -28.51 23.62
CA SER B 173 28.72 -29.39 24.45
C SER B 173 28.97 -30.66 23.64
N GLY B 174 30.14 -30.75 23.03
CA GLY B 174 30.52 -31.93 22.29
C GLY B 174 29.74 -32.12 21.00
N SER B 175 28.90 -33.14 20.96
CA SER B 175 28.00 -33.35 19.84
C SER B 175 26.61 -32.81 20.11
N ASN B 176 26.38 -32.28 21.31
CA ASN B 176 25.07 -31.94 21.80
C ASN B 176 24.87 -30.44 21.83
N ILE B 177 23.60 -30.04 21.88
CA ILE B 177 23.23 -28.63 22.03
C ILE B 177 22.13 -28.57 23.08
N GLU B 178 22.39 -27.85 24.19
CA GLU B 178 21.40 -27.69 25.26
C GLU B 178 20.72 -26.35 25.09
N TRP B 179 19.39 -26.37 25.04
CA TRP B 179 18.57 -25.17 25.03
C TRP B 179 18.08 -24.90 26.45
N TYR B 180 17.96 -23.62 26.79
CA TYR B 180 17.38 -23.22 28.08
C TYR B 180 16.59 -21.92 27.88
N SER B 181 15.93 -21.49 28.94
CA SER B 181 14.98 -20.40 28.95
C SER B 181 15.54 -19.22 29.72
N ASP B 182 14.79 -18.12 29.71
CA ASP B 182 15.04 -17.09 30.69
C ASP B 182 14.93 -17.69 32.09
N SER B 183 15.40 -16.96 33.09
CA SER B 183 15.34 -17.48 34.45
C SER B 183 14.39 -16.65 35.32
N SER B 184 13.99 -17.22 36.43
CA SER B 184 13.11 -16.50 37.31
C SER B 184 13.89 -15.48 38.12
N PRO B 185 13.25 -14.41 38.59
CA PRO B 185 13.92 -13.45 39.49
C PRO B 185 13.75 -13.77 40.96
N TYR B 186 13.08 -14.86 41.29
CA TYR B 186 12.91 -15.19 42.69
C TYR B 186 13.98 -16.17 43.15
N THR B 187 14.24 -17.21 42.37
CA THR B 187 15.28 -18.18 42.68
C THR B 187 16.50 -18.06 41.79
N GLY B 188 16.40 -17.37 40.66
CA GLY B 188 17.49 -17.36 39.72
C GLY B 188 17.75 -18.72 39.10
N ALA B 189 16.69 -19.49 38.85
CA ALA B 189 16.84 -20.80 38.22
C ALA B 189 16.27 -20.77 36.81
N THR B 190 16.70 -21.72 35.99
CA THR B 190 16.20 -21.80 34.62
C THR B 190 14.82 -22.42 34.62
N TYR B 191 13.96 -21.92 33.73
CA TYR B 191 12.57 -22.34 33.73
C TYR B 191 12.37 -23.70 33.05
N TRP B 192 13.20 -24.02 32.05
CA TRP B 192 13.16 -25.33 31.39
C TRP B 192 14.47 -25.58 30.66
N THR B 193 14.77 -26.87 30.45
CA THR B 193 15.94 -27.32 29.71
C THR B 193 15.48 -28.32 28.66
N ALA B 194 16.10 -28.28 27.48
CA ALA B 194 15.86 -29.30 26.46
C ALA B 194 17.08 -29.39 25.56
N SER B 195 17.19 -30.51 24.84
CA SER B 195 18.45 -30.84 24.20
C SER B 195 18.23 -31.57 22.90
N ASN B 196 18.93 -31.12 21.85
CA ASN B 196 18.95 -31.72 20.51
C ASN B 196 17.51 -31.81 19.99
N ALA B 197 17.19 -32.86 19.25
CA ALA B 197 15.85 -32.98 18.72
C ALA B 197 14.85 -33.02 19.86
N LEU B 198 13.78 -32.31 19.69
CA LEU B 198 12.61 -32.56 20.52
C LEU B 198 11.65 -33.48 19.78
N PRO B 199 10.83 -34.30 20.51
CA PRO B 199 10.11 -35.40 19.87
C PRO B 199 9.54 -35.13 18.48
N TYR B 200 8.70 -34.10 18.37
CA TYR B 200 7.84 -33.94 17.22
C TYR B 200 8.27 -32.73 16.41
N VAL B 201 8.16 -32.83 15.08
CA VAL B 201 8.55 -31.78 14.14
C VAL B 201 7.57 -31.73 12.98
N GLN B 202 7.41 -30.54 12.40
CA GLN B 202 6.74 -30.36 11.12
C GLN B 202 7.51 -29.25 10.42
N LEU B 203 7.39 -29.18 9.10
CA LEU B 203 8.36 -28.44 8.30
C LEU B 203 7.66 -27.42 7.41
N TYR B 204 8.42 -26.39 6.99
CA TYR B 204 7.93 -25.43 6.01
C TYR B 204 9.02 -25.12 5.00
N ASP B 205 8.58 -24.67 3.82
CA ASP B 205 9.48 -24.29 2.73
C ASP B 205 9.77 -22.80 2.81
N THR B 206 11.04 -22.45 3.00
CA THR B 206 11.41 -21.05 3.20
C THR B 206 11.59 -20.35 1.84
N LYS B 207 10.46 -20.16 1.17
CA LYS B 207 10.41 -19.40 -0.08
C LYS B 207 8.97 -19.01 -0.35
N THR B 208 8.12 -20.02 -0.43
CA THR B 208 6.68 -19.85 -0.44
C THR B 208 6.05 -20.10 0.91
N GLY B 209 6.82 -20.52 1.90
CA GLY B 209 6.23 -20.79 3.21
C GLY B 209 5.32 -21.98 3.21
N LEU B 210 5.48 -22.89 2.26
CA LEU B 210 4.52 -23.96 2.12
C LEU B 210 4.77 -25.04 3.15
N THR B 211 3.68 -25.62 3.64
CA THR B 211 3.72 -26.60 4.71
C THR B 211 4.07 -27.96 4.11
N VAL B 212 5.35 -28.15 3.78
CA VAL B 212 5.79 -29.43 3.26
C VAL B 212 6.01 -30.38 4.43
N ARG B 213 5.80 -31.68 4.18
CA ARG B 213 6.15 -32.63 5.21
C ARG B 213 6.58 -33.94 4.56
N GLY B 214 7.49 -34.61 5.26
CA GLY B 214 7.67 -36.03 5.13
C GLY B 214 7.32 -36.69 6.45
N ASP B 215 8.16 -36.44 7.46
CA ASP B 215 8.09 -37.10 8.75
C ASP B 215 7.62 -36.13 9.84
N VAL B 216 7.48 -36.66 11.05
CA VAL B 216 7.17 -35.83 12.21
C VAL B 216 7.96 -36.31 13.42
N TRP B 217 8.22 -37.61 13.50
CA TRP B 217 8.99 -38.15 14.63
C TRP B 217 10.46 -38.33 14.28
N THR B 218 11.07 -37.37 13.60
CA THR B 218 12.43 -37.47 13.05
C THR B 218 13.00 -36.07 12.93
N ASN B 219 14.34 -35.97 12.85
CA ASN B 219 14.96 -34.70 12.49
C ASN B 219 16.32 -34.96 11.87
N PRO B 220 16.49 -34.74 10.56
CA PRO B 220 17.81 -34.97 9.95
C PRO B 220 18.90 -34.09 10.54
N ILE B 221 18.55 -32.93 11.09
CA ILE B 221 19.53 -32.05 11.73
C ILE B 221 20.18 -32.75 12.92
N PHE B 222 19.45 -33.65 13.57
CA PHE B 222 19.96 -34.35 14.74
C PHE B 222 19.95 -35.85 14.51
N GLN B 223 20.57 -36.27 13.41
CA GLN B 223 20.84 -37.67 13.13
C GLN B 223 22.31 -37.81 12.80
N ASN B 224 23.01 -38.68 13.54
CA ASN B 224 24.45 -38.91 13.38
C ASN B 224 25.20 -37.58 13.32
N VAL B 225 24.91 -36.72 14.30
CA VAL B 225 25.71 -35.53 14.52
C VAL B 225 26.92 -35.92 15.34
N THR B 226 28.04 -35.29 15.05
CA THR B 226 29.25 -35.55 15.81
C THR B 226 29.78 -34.26 16.38
N GLY B 227 30.01 -33.28 15.51
CA GLY B 227 30.56 -32.00 15.91
C GLY B 227 29.54 -30.90 15.69
N ILE B 228 29.63 -29.87 16.53
CA ILE B 228 28.90 -28.63 16.35
C ILE B 228 29.82 -27.49 16.75
N THR B 229 30.15 -26.62 15.81
CA THR B 229 30.92 -25.43 16.12
C THR B 229 30.09 -24.21 15.73
N ASP B 230 30.25 -23.13 16.50
CA ASP B 230 29.38 -21.96 16.40
C ASP B 230 29.99 -20.94 15.47
N ALA B 231 29.53 -20.92 14.22
CA ALA B 231 30.05 -20.00 13.21
C ALA B 231 29.73 -18.55 13.52
N GLY B 232 28.99 -18.30 14.58
CA GLY B 232 28.69 -16.93 14.97
C GLY B 232 27.75 -16.22 14.02
N ASN B 233 27.06 -15.22 14.57
CA ASN B 233 25.96 -14.51 13.90
C ASN B 233 24.75 -15.44 13.80
N HIS B 234 24.37 -16.03 14.93
CA HIS B 234 23.22 -16.92 15.01
C HIS B 234 23.34 -18.13 14.07
N ARG B 235 24.49 -18.40 13.49
CA ARG B 235 24.65 -19.53 12.57
C ARG B 235 25.45 -20.64 13.23
N LEU B 236 24.98 -21.88 13.05
CA LEU B 236 25.61 -23.06 13.61
C LEU B 236 26.14 -23.96 12.50
N VAL B 237 27.29 -24.59 12.74
CA VAL B 237 27.92 -25.49 11.77
C VAL B 237 27.91 -26.89 12.35
N PHE B 238 27.08 -27.77 11.78
CA PHE B 238 26.93 -29.15 12.27
C PHE B 238 27.79 -30.08 11.45
N SER B 239 28.58 -30.93 12.13
CA SER B 239 29.47 -31.89 11.49
C SER B 239 28.80 -33.26 11.52
N TYR B 240 28.39 -33.74 10.35
CA TYR B 240 27.72 -35.02 10.26
C TYR B 240 28.69 -36.08 9.76
N SER B 241 28.54 -37.30 10.28
CA SER B 241 29.28 -38.44 9.77
C SER B 241 28.69 -38.90 8.45
N SER B 242 27.70 -39.80 8.54
CA SER B 242 27.02 -40.32 7.35
C SER B 242 25.87 -39.39 6.97
N MET B 243 26.00 -38.71 5.83
CA MET B 243 25.02 -37.74 5.39
C MET B 243 23.74 -38.43 4.90
N SER B 244 22.59 -37.91 5.32
CA SER B 244 21.29 -38.44 4.93
C SER B 244 20.77 -37.70 3.69
N ASP B 245 19.84 -38.32 2.98
CA ASP B 245 19.37 -37.73 1.74
C ASP B 245 18.15 -36.84 1.92
N LYS B 246 17.48 -36.91 3.08
CA LYS B 246 16.62 -35.79 3.45
C LYS B 246 17.43 -34.65 4.04
N LEU B 247 18.65 -34.92 4.50
CA LEU B 247 19.59 -33.84 4.79
C LEU B 247 20.30 -33.36 3.53
N ALA B 248 20.17 -34.09 2.43
CA ALA B 248 20.62 -33.59 1.14
C ALA B 248 19.73 -32.43 0.69
N ASN B 249 18.43 -32.70 0.56
CA ASN B 249 17.48 -31.68 0.15
C ASN B 249 17.22 -30.63 1.24
N ALA B 250 17.69 -30.88 2.47
CA ALA B 250 17.29 -30.08 3.62
C ALA B 250 17.67 -28.61 3.51
N THR B 251 18.23 -28.17 2.39
CA THR B 251 18.60 -26.76 2.28
C THR B 251 17.34 -25.92 2.20
N GLY B 252 17.23 -24.92 3.08
CA GLY B 252 16.16 -23.95 2.98
C GLY B 252 14.82 -24.32 3.57
N ILE B 253 14.76 -25.28 4.50
CA ILE B 253 13.49 -25.68 5.09
C ILE B 253 13.58 -25.60 6.61
N SER B 254 12.44 -25.29 7.24
CA SER B 254 12.32 -25.12 8.69
C SER B 254 12.17 -26.47 9.39
N TYR B 255 12.37 -26.46 10.72
CA TYR B 255 12.27 -27.67 11.53
C TYR B 255 11.71 -27.26 12.91
N GLN B 256 10.40 -27.02 12.93
CA GLN B 256 9.63 -26.58 14.11
C GLN B 256 9.46 -27.76 15.06
N MET B 257 10.47 -27.99 15.89
CA MET B 257 10.40 -29.08 16.86
C MET B 257 9.77 -28.60 18.15
N ARG B 258 8.92 -29.44 18.72
CA ARG B 258 8.20 -29.11 19.94
C ARG B 258 8.12 -30.39 20.77
N GLN B 259 7.39 -30.33 21.87
CA GLN B 259 7.10 -31.55 22.61
C GLN B 259 5.62 -31.89 22.46
N THR B 260 5.24 -33.04 23.02
CA THR B 260 3.92 -33.62 22.77
C THR B 260 2.88 -33.21 23.80
N THR B 261 3.32 -32.78 24.98
CA THR B 261 2.49 -32.71 26.18
C THR B 261 1.83 -31.34 26.32
N ARG B 262 0.51 -31.36 26.49
CA ARG B 262 -0.28 -30.14 26.68
C ARG B 262 -0.38 -29.80 28.18
N ASP B 263 0.80 -29.62 28.77
CA ASP B 263 0.96 -29.31 30.19
C ASP B 263 0.07 -28.18 30.65
N HIS B 264 -0.25 -27.24 29.75
CA HIS B 264 -0.94 -26.00 30.10
C HIS B 264 -1.89 -25.54 28.99
N PRO B 265 -3.13 -25.18 29.31
CA PRO B 265 -3.97 -24.54 28.31
C PRO B 265 -3.47 -23.13 28.06
N GLY B 266 -3.57 -22.68 26.81
CA GLY B 266 -3.18 -21.32 26.51
C GLY B 266 -4.09 -20.31 27.18
N VAL B 267 -5.40 -20.59 27.18
CA VAL B 267 -6.42 -19.88 27.93
C VAL B 267 -7.34 -20.96 28.48
N PHE B 268 -8.13 -20.61 29.50
CA PHE B 268 -9.06 -21.60 30.03
C PHE B 268 -10.31 -20.90 30.52
N LEU B 269 -11.46 -21.24 29.92
CA LEU B 269 -12.74 -20.59 30.19
C LEU B 269 -13.76 -21.64 30.66
N TRP B 270 -13.67 -22.03 31.93
CA TRP B 270 -14.37 -23.20 32.50
C TRP B 270 -15.52 -22.74 33.41
N LYS B 271 -16.74 -23.20 33.10
CA LYS B 271 -17.94 -22.80 33.85
C LYS B 271 -18.07 -21.27 33.84
N ASP B 272 -18.46 -20.73 32.69
CA ASP B 272 -18.71 -19.29 32.53
C ASP B 272 -20.06 -19.03 31.87
N LYS B 273 -20.44 -17.75 31.80
CA LYS B 273 -21.66 -17.32 31.13
C LYS B 273 -21.41 -15.93 30.54
N ASP B 274 -21.33 -15.87 29.21
CA ASP B 274 -21.18 -14.62 28.46
C ASP B 274 -19.81 -14.01 28.70
N VAL B 275 -18.78 -14.72 28.23
CA VAL B 275 -17.40 -14.23 28.19
C VAL B 275 -17.15 -13.63 26.82
N THR B 276 -16.78 -12.36 26.78
CA THR B 276 -16.51 -11.71 25.52
C THR B 276 -14.99 -11.57 25.35
N LEU B 277 -14.47 -11.92 24.17
CA LEU B 277 -13.04 -11.78 23.88
C LEU B 277 -12.86 -11.02 22.58
N LYS B 278 -12.16 -9.88 22.63
CA LYS B 278 -12.01 -9.02 21.46
C LYS B 278 -10.63 -8.37 21.44
N GLY B 279 -10.12 -8.13 20.23
CA GLY B 279 -8.96 -7.25 20.06
C GLY B 279 -7.71 -7.72 20.77
N ILE B 280 -7.52 -9.00 20.88
CA ILE B 280 -6.28 -9.55 21.44
C ILE B 280 -5.44 -10.06 20.28
N ASP B 281 -4.12 -9.99 20.45
CA ASP B 281 -3.16 -10.60 19.55
C ASP B 281 -2.56 -11.80 20.25
N PHE B 282 -2.65 -12.97 19.61
CA PHE B 282 -2.13 -14.21 20.18
C PHE B 282 -0.92 -14.63 19.35
N ARG B 283 0.21 -13.97 19.60
CA ARG B 283 1.46 -14.35 18.97
C ARG B 283 1.90 -15.74 19.38
N PHE B 284 2.28 -15.91 20.65
CA PHE B 284 2.67 -17.21 21.18
C PHE B 284 1.81 -17.59 22.38
N LEU B 285 1.20 -18.77 22.34
CA LEU B 285 0.71 -19.45 23.53
C LEU B 285 1.53 -20.73 23.72
N HIS B 286 1.56 -21.25 24.94
CA HIS B 286 2.31 -22.46 25.20
C HIS B 286 1.37 -23.64 25.40
N GLY B 287 1.81 -24.82 25.03
CA GLY B 287 0.99 -25.97 25.36
C GLY B 287 -0.28 -26.20 24.60
N PHE B 288 -1.09 -25.17 24.42
CA PHE B 288 -2.37 -25.35 23.74
C PHE B 288 -2.89 -23.99 23.31
N GLY B 289 -4.19 -23.80 23.38
CA GLY B 289 -4.79 -22.54 22.99
C GLY B 289 -6.08 -22.36 23.74
N VAL B 290 -6.88 -21.38 23.29
CA VAL B 290 -8.11 -21.01 23.99
C VAL B 290 -9.03 -22.20 24.12
N VAL B 291 -9.26 -22.63 25.37
CA VAL B 291 -10.12 -23.77 25.70
C VAL B 291 -11.33 -23.24 26.48
N GLY B 292 -12.51 -23.34 25.88
CA GLY B 292 -13.74 -23.14 26.59
C GLY B 292 -14.33 -24.49 26.97
N GLN B 293 -14.56 -24.71 28.26
CA GLN B 293 -14.89 -26.04 28.79
C GLN B 293 -16.12 -25.93 29.69
N SER B 294 -17.28 -26.36 29.18
CA SER B 294 -18.58 -26.11 29.79
C SER B 294 -18.81 -24.64 30.13
N THR B 295 -19.22 -23.83 29.14
CA THR B 295 -19.42 -22.39 29.32
C THR B 295 -20.51 -21.91 28.38
N ASP B 296 -21.60 -21.37 28.94
CA ASP B 296 -22.75 -20.90 28.17
C ASP B 296 -22.41 -19.60 27.42
N THR B 297 -22.54 -19.60 26.08
CA THR B 297 -22.34 -18.46 25.17
C THR B 297 -20.96 -17.80 25.25
N ILE B 298 -20.29 -17.64 24.10
CA ILE B 298 -18.96 -17.01 24.04
C ILE B 298 -18.83 -16.24 22.74
N THR B 299 -18.13 -15.10 22.80
CA THR B 299 -17.96 -14.24 21.64
C THR B 299 -16.50 -13.83 21.48
N MET B 300 -15.96 -14.11 20.29
CA MET B 300 -14.58 -13.80 19.93
C MET B 300 -14.60 -12.96 18.66
N ASP B 301 -13.93 -11.81 18.70
CA ASP B 301 -14.09 -10.82 17.64
C ASP B 301 -12.80 -10.02 17.48
N GLY B 302 -12.22 -10.04 16.29
CA GLY B 302 -11.08 -9.20 15.98
C GLY B 302 -9.81 -9.64 16.67
N LEU B 303 -9.54 -10.94 16.59
CA LEU B 303 -8.35 -11.54 17.18
C LEU B 303 -7.38 -11.90 16.05
N HIS B 304 -6.07 -11.75 16.31
CA HIS B 304 -5.02 -12.16 15.38
C HIS B 304 -4.17 -13.22 16.05
N PHE B 305 -3.91 -14.33 15.35
CA PHE B 305 -3.14 -15.46 15.85
C PHE B 305 -1.91 -15.69 14.97
N GLY B 306 -0.72 -15.35 15.46
CA GLY B 306 0.51 -15.53 14.70
C GLY B 306 1.52 -14.42 15.01
N THR B 307 2.77 -14.62 14.53
CA THR B 307 3.91 -13.73 14.84
C THR B 307 4.15 -12.71 13.73
N GLY B 308 3.84 -11.44 14.01
CA GLY B 308 3.68 -10.37 13.03
C GLY B 308 4.87 -9.64 12.42
N GLU B 309 5.11 -8.38 12.84
CA GLU B 309 6.04 -7.47 12.17
C GLU B 309 7.49 -7.92 12.33
N GLY B 310 8.03 -7.75 13.54
CA GLY B 310 9.39 -8.14 13.82
C GLY B 310 9.52 -9.65 13.94
N THR B 311 9.95 -10.30 12.85
CA THR B 311 9.78 -11.75 12.72
C THR B 311 11.10 -12.40 12.35
N GLY B 312 11.68 -13.10 13.31
CA GLY B 312 12.66 -14.12 13.03
C GLY B 312 11.94 -15.43 13.22
N ARG B 313 10.70 -15.48 12.72
CA ARG B 313 9.77 -16.59 12.92
C ARG B 313 8.56 -16.44 11.99
N SER B 314 8.17 -17.51 11.28
CA SER B 314 6.91 -17.49 10.53
C SER B 314 5.97 -18.63 10.97
N THR B 315 6.26 -19.24 12.13
CA THR B 315 5.36 -20.16 12.84
C THR B 315 5.00 -19.57 14.19
N ALA B 316 3.88 -20.02 14.77
CA ALA B 316 3.38 -19.45 16.01
C ALA B 316 3.09 -20.60 16.95
N GLY B 317 1.83 -20.88 17.25
CA GLY B 317 1.45 -21.58 18.46
C GLY B 317 1.68 -23.08 18.48
N TYR B 318 1.06 -23.72 19.46
CA TYR B 318 1.39 -25.10 19.85
C TYR B 318 0.37 -26.10 19.34
N ALA B 319 -0.87 -25.97 19.79
CA ALA B 319 -1.98 -26.82 19.36
C ALA B 319 -3.20 -25.91 19.20
N ASP B 320 -4.39 -26.53 19.03
CA ASP B 320 -5.63 -25.85 18.65
C ASP B 320 -5.68 -24.43 19.18
N PHE B 321 -5.83 -23.42 18.30
CA PHE B 321 -5.78 -22.05 18.78
C PHE B 321 -7.14 -21.54 19.27
N VAL B 322 -8.24 -22.27 19.01
CA VAL B 322 -9.47 -22.20 19.81
C VAL B 322 -10.12 -23.59 19.78
N GLN B 323 -10.32 -24.16 20.96
CA GLN B 323 -11.07 -25.40 21.15
C GLN B 323 -12.20 -25.10 22.12
N MET B 324 -13.42 -25.51 21.79
CA MET B 324 -14.59 -25.23 22.62
C MET B 324 -15.20 -26.57 23.02
N SER B 325 -14.65 -27.18 24.07
CA SER B 325 -14.97 -28.55 24.45
C SER B 325 -16.20 -28.56 25.33
N GLY B 326 -17.36 -28.84 24.73
CA GLY B 326 -18.56 -29.16 25.48
C GLY B 326 -19.20 -27.99 26.18
N CYS B 327 -19.40 -26.90 25.45
CA CYS B 327 -20.10 -25.74 25.97
C CYS B 327 -21.57 -25.83 25.62
N LYS B 328 -22.33 -24.80 25.99
CA LYS B 328 -23.71 -24.59 25.57
C LYS B 328 -23.83 -23.12 25.16
N GLY B 329 -24.92 -22.77 24.49
CA GLY B 329 -25.12 -21.39 24.09
C GLY B 329 -24.29 -20.98 22.88
N VAL B 330 -24.43 -19.73 22.47
CA VAL B 330 -23.90 -19.31 21.18
C VAL B 330 -22.40 -19.06 21.28
N ILE B 331 -21.61 -19.93 20.61
CA ILE B 331 -20.21 -19.64 20.28
C ILE B 331 -20.21 -18.72 19.06
N THR B 332 -19.35 -17.71 19.08
CA THR B 332 -19.29 -16.75 17.97
C THR B 332 -17.83 -16.51 17.65
N VAL B 333 -17.47 -16.57 16.37
CA VAL B 333 -16.17 -16.11 15.91
C VAL B 333 -16.43 -15.16 14.77
N ALA B 334 -15.93 -13.93 14.89
CA ALA B 334 -16.22 -12.89 13.91
C ALA B 334 -15.02 -11.97 13.77
N ASN B 335 -14.65 -11.65 12.54
CA ASN B 335 -13.66 -10.63 12.21
C ASN B 335 -12.24 -10.96 12.71
N SER B 336 -11.92 -12.24 12.88
CA SER B 336 -10.63 -12.67 13.39
C SER B 336 -9.80 -13.35 12.31
N SER B 337 -8.48 -13.42 12.53
CA SER B 337 -7.55 -13.96 11.56
C SER B 337 -6.61 -14.96 12.23
N PHE B 338 -6.47 -16.13 11.62
CA PHE B 338 -5.59 -17.21 12.07
C PHE B 338 -4.49 -17.38 11.04
N SER B 339 -3.27 -16.97 11.37
CA SER B 339 -2.14 -17.39 10.56
C SER B 339 -1.69 -18.76 11.03
N ASN B 340 -0.95 -19.45 10.18
CA ASN B 340 -0.31 -20.74 10.45
C ASN B 340 -0.29 -21.18 11.92
N PRO B 341 -1.29 -21.93 12.37
CA PRO B 341 -1.20 -22.56 13.69
C PRO B 341 -0.65 -23.98 13.61
N HIS B 342 0.06 -24.38 14.66
CA HIS B 342 0.58 -25.74 14.70
C HIS B 342 -0.51 -26.79 14.81
N ASP B 343 -1.78 -26.39 14.73
CA ASP B 343 -2.92 -27.28 14.84
C ASP B 343 -4.14 -26.58 14.24
N ASP B 344 -5.34 -27.15 14.46
CA ASP B 344 -6.57 -26.67 13.77
C ASP B 344 -7.10 -25.38 14.37
N PRO B 345 -7.30 -24.30 13.56
CA PRO B 345 -7.87 -23.06 14.12
C PRO B 345 -8.97 -23.26 15.16
N ILE B 346 -10.11 -23.83 14.77
CA ILE B 346 -11.28 -23.96 15.63
C ILE B 346 -11.69 -25.43 15.66
N ASN B 347 -12.16 -25.90 16.83
CA ASN B 347 -12.79 -27.22 16.92
C ASN B 347 -13.88 -27.14 17.98
N VAL B 348 -15.13 -26.94 17.58
CA VAL B 348 -16.25 -26.86 18.51
C VAL B 348 -16.86 -28.26 18.62
N HIS B 349 -16.60 -28.94 19.74
CA HIS B 349 -16.97 -30.34 19.89
C HIS B 349 -17.48 -30.62 21.31
N GLY B 350 -18.13 -31.78 21.45
CA GLY B 350 -18.46 -32.34 22.74
C GLY B 350 -17.59 -33.55 23.05
N THR B 351 -18.06 -34.39 24.00
CA THR B 351 -17.34 -35.61 24.39
C THR B 351 -18.32 -36.76 24.61
N PHE B 352 -17.92 -37.97 24.17
CA PHE B 352 -18.65 -39.24 24.38
C PHE B 352 -17.99 -40.03 25.51
N LEU B 353 -18.77 -40.44 26.51
CA LEU B 353 -18.29 -41.39 27.50
C LEU B 353 -18.92 -42.75 27.25
N GLN B 354 -18.12 -43.79 27.26
CA GLN B 354 -18.60 -45.13 26.93
C GLN B 354 -19.24 -45.77 28.15
N VAL B 355 -20.39 -46.41 27.95
CA VAL B 355 -21.02 -47.09 29.06
C VAL B 355 -20.09 -48.19 29.54
N VAL B 356 -20.07 -48.43 30.85
CA VAL B 356 -19.11 -49.41 31.37
C VAL B 356 -19.76 -50.36 32.37
N GLU B 357 -20.87 -49.96 32.98
CA GLU B 357 -21.45 -50.80 34.01
C GLU B 357 -22.92 -50.45 34.20
N LYS B 358 -23.82 -51.44 34.06
CA LYS B 358 -25.24 -51.21 34.33
C LYS B 358 -25.53 -51.52 35.79
N ILE B 359 -25.20 -50.55 36.65
CA ILE B 359 -25.51 -50.68 38.07
C ILE B 359 -27.02 -50.87 38.24
N SER B 360 -27.81 -50.16 37.45
CA SER B 360 -29.26 -50.28 37.51
C SER B 360 -29.83 -49.98 36.14
N ASP B 361 -31.14 -50.16 36.04
CA ASP B 361 -31.89 -49.69 34.89
C ASP B 361 -32.14 -48.19 34.94
N THR B 362 -31.73 -47.52 36.03
CA THR B 362 -31.76 -46.07 36.17
C THR B 362 -30.39 -45.49 36.48
N LYS B 363 -29.37 -46.33 36.74
CA LYS B 363 -28.06 -45.93 37.22
C LYS B 363 -27.01 -46.70 36.44
N ILE B 364 -25.96 -46.01 35.99
CA ILE B 364 -24.89 -46.61 35.19
C ILE B 364 -23.60 -45.85 35.47
N LYS B 365 -22.48 -46.46 35.10
CA LYS B 365 -21.17 -45.82 35.11
C LYS B 365 -20.76 -45.55 33.68
N VAL B 366 -20.03 -44.45 33.44
CA VAL B 366 -19.48 -44.14 32.12
C VAL B 366 -18.00 -43.88 32.31
N ARG B 367 -17.29 -43.74 31.18
CA ARG B 367 -15.83 -43.70 31.23
C ARG B 367 -15.28 -42.81 30.13
N TYR B 368 -14.26 -42.03 30.44
CA TYR B 368 -13.55 -41.27 29.42
C TYR B 368 -12.63 -42.22 28.68
N MET B 369 -12.94 -42.48 27.41
CA MET B 369 -12.18 -43.48 26.68
C MET B 369 -10.93 -42.93 26.01
N HIS B 370 -10.79 -41.61 25.93
CA HIS B 370 -9.54 -41.01 25.50
C HIS B 370 -8.71 -40.59 26.71
N ASN B 371 -7.40 -40.48 26.50
CA ASN B 371 -6.48 -40.25 27.60
C ASN B 371 -6.09 -38.80 27.79
N GLU B 372 -6.27 -37.98 26.76
CA GLU B 372 -6.00 -36.55 26.88
C GLU B 372 -7.25 -35.75 27.23
N THR B 373 -8.43 -36.31 27.02
CA THR B 373 -9.71 -35.73 27.44
C THR B 373 -10.26 -36.57 28.58
N ALA B 374 -9.89 -36.22 29.80
CA ALA B 374 -10.42 -36.86 31.00
C ALA B 374 -10.15 -35.95 32.18
N GLY B 375 -10.81 -36.27 33.30
CA GLY B 375 -10.52 -35.68 34.60
C GLY B 375 -11.56 -34.73 35.15
N PHE B 376 -12.47 -34.25 34.31
CA PHE B 376 -13.38 -33.15 34.60
C PHE B 376 -14.82 -33.60 34.42
N PRO B 377 -15.79 -32.88 34.99
CA PRO B 377 -17.17 -33.30 34.84
C PRO B 377 -17.73 -32.87 33.51
N SER B 378 -18.52 -33.75 32.92
CA SER B 378 -19.26 -33.46 31.71
C SER B 378 -20.77 -33.52 31.90
N PHE B 379 -21.25 -34.05 33.00
CA PHE B 379 -22.68 -34.10 33.22
C PHE B 379 -22.95 -33.35 34.51
N PHE B 380 -24.07 -32.65 34.55
CA PHE B 380 -24.53 -31.99 35.76
C PHE B 380 -25.96 -32.40 36.06
N VAL B 381 -26.30 -32.44 37.37
CA VAL B 381 -27.65 -32.79 37.76
C VAL B 381 -28.62 -31.84 37.09
N GLY B 382 -29.73 -32.40 36.58
CA GLY B 382 -30.68 -31.62 35.83
C GLY B 382 -30.38 -31.47 34.35
N ASP B 383 -29.23 -31.99 33.88
CA ASP B 383 -28.88 -31.96 32.46
C ASP B 383 -29.74 -32.94 31.68
N GLN B 384 -29.44 -33.12 30.39
CA GLN B 384 -30.11 -34.11 29.56
C GLN B 384 -29.07 -34.92 28.80
N VAL B 385 -29.32 -36.22 28.67
CA VAL B 385 -28.43 -37.12 27.94
C VAL B 385 -29.17 -37.72 26.75
N GLU B 386 -28.43 -38.43 25.90
CA GLU B 386 -28.98 -39.22 24.80
C GLU B 386 -28.00 -40.35 24.50
N PHE B 387 -28.51 -41.58 24.33
CA PHE B 387 -27.65 -42.76 24.10
C PHE B 387 -27.38 -42.97 22.61
N MET B 388 -26.12 -43.31 22.30
CA MET B 388 -25.70 -43.64 20.94
C MET B 388 -25.39 -45.13 20.83
N THR B 389 -25.49 -45.65 19.62
CA THR B 389 -24.94 -46.96 19.30
C THR B 389 -23.64 -46.73 18.53
N LYS B 390 -22.53 -47.31 19.03
CA LYS B 390 -21.22 -46.83 18.59
C LYS B 390 -20.96 -47.13 17.12
N GLY B 391 -21.57 -48.18 16.59
CA GLY B 391 -21.12 -48.71 15.32
C GLY B 391 -21.58 -47.95 14.11
N ASP B 392 -22.89 -47.79 13.99
CA ASP B 392 -23.45 -46.88 12.99
C ASP B 392 -23.49 -45.45 13.48
N MET B 393 -23.14 -45.21 14.76
CA MET B 393 -23.14 -43.87 15.34
C MET B 393 -24.53 -43.23 15.32
N LEU B 394 -25.59 -44.04 15.43
CA LEU B 394 -26.99 -43.60 15.45
C LEU B 394 -27.55 -43.65 16.88
N PRO B 395 -28.40 -42.69 17.28
CA PRO B 395 -29.00 -42.72 18.63
C PRO B 395 -29.90 -43.92 18.85
N VAL B 396 -30.34 -44.09 20.11
CA VAL B 396 -31.34 -45.09 20.46
C VAL B 396 -32.69 -44.39 20.55
N SER B 397 -33.74 -45.07 20.11
CA SER B 397 -35.06 -44.45 20.13
C SER B 397 -35.58 -44.38 21.56
N ASP B 398 -36.32 -43.31 21.87
CA ASP B 398 -36.81 -43.06 23.23
C ASP B 398 -35.64 -43.13 24.23
N SER B 399 -34.54 -42.48 23.85
CA SER B 399 -33.34 -42.58 24.65
C SER B 399 -33.04 -41.35 25.49
N VAL B 400 -33.49 -40.16 25.07
CA VAL B 400 -33.18 -38.94 25.81
C VAL B 400 -33.68 -39.05 27.25
N ARG B 401 -32.81 -38.73 28.21
CA ARG B 401 -33.07 -38.83 29.65
C ARG B 401 -32.65 -37.53 30.33
N THR B 402 -32.79 -37.50 31.66
CA THR B 402 -32.36 -36.36 32.49
C THR B 402 -31.50 -36.88 33.64
N VAL B 403 -30.35 -36.26 33.87
CA VAL B 403 -29.43 -36.70 34.92
C VAL B 403 -29.98 -36.34 36.29
N THR B 404 -29.83 -37.22 37.29
CA THR B 404 -30.29 -36.91 38.63
C THR B 404 -29.26 -37.10 39.74
N ALA B 405 -28.12 -37.71 39.46
CA ALA B 405 -27.08 -37.81 40.47
C ALA B 405 -25.76 -38.07 39.78
N VAL B 406 -24.78 -37.20 40.01
CA VAL B 406 -23.48 -37.34 39.41
C VAL B 406 -22.49 -37.65 40.52
N ASP B 407 -21.75 -38.76 40.35
CA ASP B 407 -20.71 -39.17 41.29
C ASP B 407 -19.35 -39.30 40.59
N GLY B 408 -18.81 -38.19 40.08
CA GLY B 408 -17.54 -38.20 39.37
C GLY B 408 -16.60 -37.18 39.95
N PRO B 409 -15.58 -36.76 39.21
CA PRO B 409 -14.66 -35.76 39.73
C PRO B 409 -15.20 -34.36 39.48
N ASP B 410 -14.82 -33.42 40.35
CA ASP B 410 -15.21 -32.03 40.10
C ASP B 410 -14.22 -31.33 39.17
N GLY B 411 -13.20 -32.03 38.70
CA GLY B 411 -12.19 -31.43 37.86
C GLY B 411 -11.13 -30.67 38.62
N GLN B 412 -11.35 -30.39 39.90
CA GLN B 412 -10.34 -29.82 40.78
C GLN B 412 -9.82 -30.87 41.76
N GLY B 413 -9.93 -32.14 41.40
CA GLY B 413 -9.51 -33.21 42.28
C GLY B 413 -10.68 -33.93 42.90
N GLY B 414 -11.30 -33.28 43.88
CA GLY B 414 -12.36 -33.86 44.69
C GLY B 414 -13.56 -34.36 43.91
N ASP B 415 -14.57 -34.82 44.65
CA ASP B 415 -15.70 -35.55 44.08
C ASP B 415 -16.91 -34.66 43.91
N MET B 416 -17.60 -34.83 42.78
CA MET B 416 -19.02 -34.55 42.70
C MET B 416 -19.78 -35.68 43.37
N GLY B 417 -20.93 -35.36 43.95
CA GLY B 417 -21.68 -36.30 44.74
C GLY B 417 -20.86 -37.21 45.63
N ALA B 418 -20.99 -38.52 45.41
CA ALA B 418 -20.33 -39.54 46.22
C ALA B 418 -19.03 -40.04 45.61
N GLY B 419 -18.72 -39.68 44.37
CA GLY B 419 -17.38 -39.87 43.88
C GLY B 419 -17.08 -41.22 43.27
N SER B 420 -16.44 -41.22 42.09
CA SER B 420 -16.24 -42.47 41.37
C SER B 420 -15.13 -43.29 42.01
N GLY B 421 -13.89 -42.87 41.80
CA GLY B 421 -12.75 -43.64 42.24
C GLY B 421 -11.55 -43.43 41.34
N SER B 422 -11.82 -42.98 40.11
CA SER B 422 -10.78 -42.60 39.16
C SER B 422 -11.27 -41.38 38.40
N LEU B 423 -10.33 -40.55 37.94
CA LEU B 423 -10.70 -39.39 37.17
C LEU B 423 -11.13 -39.73 35.75
N THR B 424 -11.51 -40.99 35.52
CA THR B 424 -12.00 -41.48 34.24
C THR B 424 -13.39 -42.06 34.30
N ASP B 425 -14.01 -42.18 35.47
CA ASP B 425 -15.33 -42.76 35.63
C ASP B 425 -16.28 -41.74 36.24
N ILE B 426 -17.54 -41.77 35.81
CA ILE B 426 -18.59 -40.88 36.30
C ILE B 426 -19.86 -41.71 36.46
N VAL B 427 -20.38 -41.83 37.68
CA VAL B 427 -21.60 -42.62 37.91
C VAL B 427 -22.81 -41.72 37.79
N LEU B 428 -23.77 -42.14 36.96
CA LEU B 428 -24.94 -41.33 36.63
C LEU B 428 -26.20 -42.07 37.03
N THR B 429 -27.04 -41.40 37.82
CA THR B 429 -28.40 -41.83 38.09
C THR B 429 -29.32 -41.03 37.19
N LEU B 430 -30.34 -41.68 36.61
CA LEU B 430 -31.08 -41.05 35.52
C LEU B 430 -32.57 -40.97 35.80
N ASP B 431 -33.20 -40.07 35.04
CA ASP B 431 -34.63 -39.78 35.02
C ASP B 431 -35.48 -41.03 35.25
N SER B 432 -35.68 -41.81 34.19
CA SER B 432 -36.46 -43.04 34.20
C SER B 432 -35.53 -44.23 33.96
N ALA B 433 -36.10 -45.37 33.54
CA ALA B 433 -35.27 -46.49 33.13
C ALA B 433 -34.73 -46.27 31.71
N ILE B 434 -33.49 -46.71 31.46
CA ILE B 434 -32.81 -46.50 30.17
C ILE B 434 -33.26 -47.55 29.16
N PRO B 435 -33.37 -47.20 27.86
CA PRO B 435 -34.02 -48.10 26.90
C PRO B 435 -33.34 -49.47 26.88
N SER B 436 -34.14 -50.48 26.54
CA SER B 436 -33.72 -51.84 26.83
C SER B 436 -32.44 -52.20 26.08
N ALA B 437 -32.20 -51.57 24.93
CA ALA B 437 -31.04 -51.88 24.12
C ALA B 437 -29.73 -51.63 24.84
N VAL B 438 -29.67 -50.62 25.71
CA VAL B 438 -28.39 -50.13 26.21
C VAL B 438 -27.64 -51.24 26.93
N ALA B 439 -26.39 -51.51 26.51
CA ALA B 439 -25.52 -52.46 27.18
C ALA B 439 -24.07 -51.98 27.10
N VAL B 440 -23.18 -52.70 27.80
CA VAL B 440 -21.84 -52.18 28.04
C VAL B 440 -20.99 -52.33 26.80
N ASN B 441 -20.30 -51.26 26.44
CA ASN B 441 -19.24 -51.14 25.43
C ASN B 441 -19.74 -51.06 24.01
N SER B 442 -21.02 -51.31 23.76
CA SER B 442 -21.60 -51.11 22.44
C SER B 442 -22.24 -49.75 22.31
N HIS B 443 -22.35 -49.01 23.41
CA HIS B 443 -23.09 -47.78 23.49
C HIS B 443 -22.22 -46.70 24.14
N VAL B 444 -22.46 -45.45 23.74
CA VAL B 444 -21.88 -44.30 24.42
C VAL B 444 -23.03 -43.37 24.79
N VAL B 445 -22.71 -42.31 25.55
CA VAL B 445 -23.69 -41.32 25.99
C VAL B 445 -23.20 -39.94 25.61
N GLU B 446 -24.10 -39.11 25.06
CA GLU B 446 -23.86 -37.71 24.74
C GLU B 446 -24.52 -36.83 25.80
N ASN B 447 -23.93 -35.66 26.03
CA ASN B 447 -24.58 -34.63 26.82
C ASN B 447 -25.33 -33.73 25.85
N ILE B 448 -26.66 -33.84 25.80
CA ILE B 448 -27.41 -33.05 24.84
C ILE B 448 -27.77 -31.67 25.38
N THR B 449 -27.66 -31.45 26.69
CA THR B 449 -27.85 -30.10 27.19
C THR B 449 -26.73 -29.20 26.70
N TYR B 450 -25.48 -29.68 26.81
CA TYR B 450 -24.32 -28.87 26.46
C TYR B 450 -23.97 -29.01 24.98
N THR B 451 -24.86 -28.45 24.15
CA THR B 451 -24.66 -28.30 22.70
C THR B 451 -24.58 -26.82 22.32
N PRO B 452 -23.45 -26.33 21.80
CA PRO B 452 -23.36 -24.92 21.40
C PRO B 452 -23.96 -24.63 20.02
N GLU B 453 -24.63 -23.49 19.91
CA GLU B 453 -24.89 -22.88 18.61
C GLU B 453 -23.58 -22.26 18.11
N VAL B 454 -23.29 -22.37 16.81
CA VAL B 454 -22.02 -21.88 16.26
C VAL B 454 -22.26 -20.89 15.13
N ASN B 455 -21.48 -19.80 15.15
CA ASN B 455 -21.62 -18.66 14.23
C ASN B 455 -20.21 -18.17 13.91
N ILE B 456 -19.74 -18.43 12.69
CA ILE B 456 -18.35 -18.16 12.28
C ILE B 456 -18.41 -17.32 11.01
N HIS B 457 -18.06 -16.04 11.10
CA HIS B 457 -18.22 -15.20 9.93
C HIS B 457 -17.16 -14.11 9.88
N ASP B 458 -16.78 -13.76 8.65
CA ASP B 458 -15.87 -12.65 8.37
C ASP B 458 -14.50 -12.89 8.98
N ASN B 459 -14.14 -14.16 9.19
CA ASN B 459 -12.79 -14.55 9.61
C ASN B 459 -11.95 -14.93 8.40
N VAL B 460 -10.64 -14.84 8.56
CA VAL B 460 -9.71 -15.26 7.52
C VAL B 460 -8.81 -16.35 8.09
N PHE B 461 -8.85 -17.52 7.45
CA PHE B 461 -8.02 -18.67 7.80
C PHE B 461 -7.01 -18.86 6.67
N LYS B 462 -5.73 -18.62 6.95
CA LYS B 462 -4.69 -18.69 5.92
C LYS B 462 -3.49 -19.49 6.42
N GLU B 463 -3.01 -20.42 5.61
CA GLU B 463 -1.83 -21.24 5.89
C GLU B 463 -2.01 -22.08 7.13
N THR B 464 -2.19 -23.39 6.98
CA THR B 464 -2.16 -24.25 8.15
C THR B 464 -1.82 -25.65 7.68
N PRO B 465 -1.03 -26.41 8.42
CA PRO B 465 -0.76 -27.79 8.01
C PRO B 465 -1.95 -28.71 8.17
N THR B 466 -2.93 -28.35 8.99
CA THR B 466 -4.02 -29.23 9.35
C THR B 466 -5.34 -28.68 8.82
N ARG B 467 -6.45 -28.97 9.51
CA ARG B 467 -7.78 -28.60 9.04
C ARG B 467 -8.20 -27.25 9.59
N GLY B 468 -9.05 -26.56 8.82
CA GLY B 468 -9.45 -25.20 9.13
C GLY B 468 -10.44 -25.07 10.28
N ILE B 469 -11.58 -25.75 10.22
CA ILE B 469 -12.63 -25.69 11.23
C ILE B 469 -13.18 -27.10 11.40
N LEU B 470 -13.32 -27.53 12.65
CA LEU B 470 -14.05 -28.75 12.98
C LEU B 470 -15.19 -28.36 13.90
N VAL B 471 -16.42 -28.35 13.38
CA VAL B 471 -17.62 -28.09 14.18
C VAL B 471 -18.46 -29.36 14.15
N THR B 472 -18.90 -29.79 15.32
CA THR B 472 -19.51 -31.08 15.44
C THR B 472 -20.56 -30.93 16.54
N THR B 473 -21.66 -30.27 16.19
CA THR B 473 -22.69 -29.86 17.15
C THR B 473 -24.08 -29.98 16.53
N ARG B 474 -25.03 -30.49 17.31
CA ARG B 474 -26.37 -30.69 16.79
C ARG B 474 -27.16 -29.40 16.64
N LYS B 475 -26.68 -28.29 17.19
CA LYS B 475 -27.42 -27.02 17.20
C LYS B 475 -27.40 -26.39 15.82
N LYS B 476 -27.81 -25.12 15.79
CA LYS B 476 -27.58 -24.32 14.60
C LYS B 476 -26.08 -24.16 14.37
N VAL B 477 -25.67 -24.14 13.10
CA VAL B 477 -24.28 -23.91 12.69
C VAL B 477 -24.29 -22.96 11.50
N THR B 478 -23.41 -21.95 11.53
CA THR B 478 -23.32 -20.92 10.50
C THR B 478 -21.86 -20.65 10.15
N ILE B 479 -21.44 -21.03 8.94
CA ILE B 479 -20.07 -20.76 8.46
C ILE B 479 -20.18 -19.86 7.22
N GLU B 480 -20.16 -18.54 7.43
CA GLU B 480 -20.59 -17.56 6.43
C GLU B 480 -19.51 -16.52 6.17
N ASN B 481 -19.12 -16.36 4.90
CA ASN B 481 -18.25 -15.29 4.46
C ASN B 481 -16.88 -15.31 5.14
N ASN B 482 -16.18 -16.43 5.00
CA ASN B 482 -14.81 -16.61 5.49
C ASN B 482 -13.90 -16.90 4.31
N LEU B 483 -12.58 -16.78 4.54
CA LEU B 483 -11.57 -17.11 3.54
C LEU B 483 -10.76 -18.29 4.03
N PHE B 484 -10.78 -19.39 3.26
CA PHE B 484 -10.01 -20.61 3.56
C PHE B 484 -8.94 -20.79 2.48
N ASP B 485 -7.85 -20.01 2.56
CA ASP B 485 -6.77 -20.08 1.59
C ASP B 485 -5.52 -20.67 2.24
N GLY B 486 -5.02 -21.76 1.67
CA GLY B 486 -3.79 -22.37 2.12
C GLY B 486 -3.96 -23.53 3.08
N MET B 487 -5.19 -23.98 3.31
CA MET B 487 -5.41 -25.11 4.20
C MET B 487 -4.70 -26.36 3.69
N GLY B 488 -3.93 -26.99 4.55
CA GLY B 488 -3.28 -28.25 4.21
C GLY B 488 -4.28 -29.37 4.09
N MET B 489 -5.07 -29.59 5.13
CA MET B 489 -6.01 -30.70 5.13
C MET B 489 -7.42 -30.21 4.81
N ALA B 490 -8.45 -30.90 5.31
CA ALA B 490 -9.80 -30.55 4.91
C ALA B 490 -10.12 -29.13 5.32
N GLY B 491 -10.62 -28.33 4.37
CA GLY B 491 -10.97 -26.97 4.68
C GLY B 491 -11.92 -26.87 5.86
N ILE B 492 -12.99 -27.66 5.84
CA ILE B 492 -13.96 -27.74 6.93
C ILE B 492 -14.30 -29.22 7.17
N TYR B 493 -13.98 -29.73 8.36
CA TYR B 493 -14.11 -31.14 8.70
C TYR B 493 -15.21 -31.33 9.74
N ILE B 494 -16.17 -32.20 9.41
CA ILE B 494 -17.28 -32.57 10.30
C ILE B 494 -17.15 -34.08 10.54
N SER B 495 -16.79 -34.47 11.76
CA SER B 495 -16.67 -35.89 12.06
C SER B 495 -17.89 -36.37 12.83
N ASN B 496 -17.78 -36.36 14.17
CA ASN B 496 -18.64 -37.07 15.11
C ASN B 496 -18.11 -38.50 15.25
N ASP B 497 -17.48 -38.79 16.39
CA ASP B 497 -16.57 -39.93 16.40
C ASP B 497 -16.57 -40.55 17.79
N ALA B 498 -16.94 -41.84 17.88
CA ALA B 498 -16.85 -42.59 19.12
C ALA B 498 -15.85 -43.75 18.98
N GLN B 499 -14.87 -43.58 18.10
CA GLN B 499 -13.90 -44.62 17.77
C GLN B 499 -12.49 -44.29 18.20
N SER B 500 -11.99 -43.11 17.88
CA SER B 500 -10.65 -42.68 18.27
C SER B 500 -10.70 -41.49 19.23
N TRP B 501 -11.37 -40.41 18.85
CA TRP B 501 -11.36 -39.20 19.67
C TRP B 501 -12.54 -39.10 20.63
N TYR B 502 -13.58 -39.90 20.44
CA TYR B 502 -14.74 -39.86 21.32
C TYR B 502 -15.23 -38.44 21.52
N GLU B 503 -15.34 -37.69 20.42
CA GLU B 503 -15.82 -36.32 20.46
C GLU B 503 -17.21 -36.24 19.88
N SER B 504 -18.12 -35.58 20.61
CA SER B 504 -19.47 -35.31 20.10
C SER B 504 -19.41 -34.21 19.06
N GLY B 505 -20.32 -34.26 18.09
CA GLY B 505 -21.43 -35.21 18.03
C GLY B 505 -22.27 -34.90 16.80
N PRO B 506 -23.46 -35.48 16.72
CA PRO B 506 -24.23 -35.47 15.48
C PRO B 506 -24.89 -34.14 15.21
N THR B 507 -25.02 -33.79 13.91
CA THR B 507 -25.51 -32.48 13.46
C THR B 507 -26.96 -32.58 12.99
N ARG B 508 -27.76 -31.55 13.30
CA ARG B 508 -29.17 -31.47 12.88
C ARG B 508 -29.47 -30.26 12.00
N ASP B 509 -28.48 -29.43 11.73
CA ASP B 509 -28.67 -28.12 11.12
C ASP B 509 -27.29 -27.51 10.93
N VAL B 510 -26.96 -27.19 9.68
CA VAL B 510 -25.68 -26.60 9.31
C VAL B 510 -25.95 -25.70 8.11
N THR B 511 -25.15 -24.63 7.99
CA THR B 511 -25.08 -23.83 6.78
C THR B 511 -23.63 -23.45 6.52
N ILE B 512 -23.23 -23.53 5.25
CA ILE B 512 -21.91 -23.14 4.80
C ILE B 512 -22.15 -22.24 3.60
N ARG B 513 -22.12 -20.92 3.80
CA ARG B 513 -22.44 -19.96 2.74
C ARG B 513 -21.37 -18.89 2.68
N GLY B 514 -21.14 -18.37 1.48
CA GLY B 514 -20.34 -17.17 1.33
C GLY B 514 -18.85 -17.32 1.45
N ASN B 515 -18.34 -18.47 1.90
CA ASN B 515 -16.92 -18.67 2.10
C ASN B 515 -16.19 -18.79 0.77
N THR B 516 -14.91 -18.47 0.78
CA THR B 516 -14.05 -18.59 -0.39
C THR B 516 -12.89 -19.50 -0.07
N PHE B 517 -12.85 -20.66 -0.70
CA PHE B 517 -11.78 -21.62 -0.55
C PHE B 517 -10.76 -21.36 -1.65
N ARG B 518 -9.48 -21.27 -1.28
CA ARG B 518 -8.41 -21.10 -2.23
C ARG B 518 -7.24 -21.98 -1.82
N ARG B 519 -6.57 -22.56 -2.80
CA ARG B 519 -5.42 -23.45 -2.59
C ARG B 519 -5.69 -24.44 -1.45
N SER B 520 -6.79 -25.19 -1.60
CA SER B 520 -7.12 -26.25 -0.66
C SER B 520 -6.20 -27.46 -0.88
N GLY B 521 -5.74 -28.04 0.21
CA GLY B 521 -4.76 -29.11 0.12
C GLY B 521 -5.36 -30.50 0.01
N SER B 522 -6.59 -30.64 0.51
CA SER B 522 -7.33 -31.87 0.28
C SER B 522 -8.75 -31.49 -0.07
N ASP B 523 -9.72 -32.15 0.52
CA ASP B 523 -11.10 -31.74 0.31
C ASP B 523 -11.26 -30.31 0.81
N ALA B 524 -12.20 -29.59 0.20
CA ALA B 524 -12.54 -28.28 0.73
C ALA B 524 -13.55 -28.40 1.86
N ILE B 525 -14.43 -29.40 1.77
CA ILE B 525 -15.43 -29.71 2.79
C ILE B 525 -15.49 -31.23 2.92
N LEU B 526 -15.19 -31.74 4.11
CA LEU B 526 -15.19 -33.18 4.36
C LEU B 526 -16.14 -33.50 5.49
N VAL B 527 -17.20 -34.24 5.19
CA VAL B 527 -18.11 -34.76 6.20
C VAL B 527 -17.88 -36.25 6.30
N GLU B 528 -17.33 -36.67 7.42
CA GLU B 528 -16.88 -38.05 7.54
C GLU B 528 -16.90 -38.50 8.98
N PRO B 529 -18.07 -38.81 9.55
CA PRO B 529 -18.09 -39.46 10.86
C PRO B 529 -17.43 -40.81 10.75
N THR B 530 -16.93 -41.29 11.88
CA THR B 530 -16.08 -42.46 11.86
C THR B 530 -16.83 -43.72 12.25
N ASN B 531 -18.08 -43.85 11.85
CA ASN B 531 -18.80 -45.10 12.13
C ASN B 531 -18.24 -46.18 11.22
N PRO B 532 -17.88 -47.36 11.75
CA PRO B 532 -17.37 -48.42 10.86
C PRO B 532 -18.45 -49.23 10.16
N THR B 533 -19.72 -49.08 10.57
CA THR B 533 -20.87 -49.77 9.99
C THR B 533 -21.82 -48.74 9.39
N VAL B 534 -21.90 -48.69 8.06
CA VAL B 534 -22.55 -47.59 7.33
C VAL B 534 -24.01 -47.96 7.07
N SER B 535 -24.92 -47.33 7.80
CA SER B 535 -26.34 -47.59 7.60
C SER B 535 -26.83 -46.85 6.39
N THR B 536 -27.45 -47.59 5.47
CA THR B 536 -27.93 -47.04 4.20
C THR B 536 -29.35 -46.53 4.30
N THR B 537 -30.06 -46.89 5.37
CA THR B 537 -31.43 -46.46 5.57
C THR B 537 -31.54 -45.17 6.36
N ASP B 538 -30.62 -44.96 7.32
CA ASP B 538 -30.61 -43.77 8.17
C ASP B 538 -29.21 -43.17 8.24
N THR B 539 -29.14 -41.84 8.28
CA THR B 539 -27.91 -41.10 8.22
C THR B 539 -27.48 -40.64 9.62
N VAL B 540 -26.17 -40.51 9.80
CA VAL B 540 -25.64 -40.01 11.07
C VAL B 540 -26.00 -38.54 11.25
N HIS B 541 -25.64 -37.72 10.26
CA HIS B 541 -25.91 -36.30 10.24
C HIS B 541 -27.17 -36.00 9.42
N LYS B 542 -27.90 -34.97 9.83
CA LYS B 542 -29.08 -34.51 9.11
C LYS B 542 -28.96 -33.02 8.82
N ASN B 543 -29.61 -32.58 7.73
CA ASN B 543 -29.77 -31.17 7.38
C ASN B 543 -28.43 -30.46 7.17
N MET B 544 -28.17 -30.04 5.94
CA MET B 544 -26.93 -29.36 5.61
C MET B 544 -27.08 -28.77 4.23
N THR B 545 -26.52 -27.57 4.04
CA THR B 545 -26.75 -26.81 2.83
C THR B 545 -25.51 -25.97 2.53
N ILE B 546 -25.13 -25.89 1.26
CA ILE B 546 -23.91 -25.21 0.82
C ILE B 546 -24.26 -24.31 -0.35
N GLU B 547 -24.12 -23.00 -0.17
CA GLU B 547 -24.55 -22.01 -1.16
C GLU B 547 -23.62 -20.82 -1.15
N GLY B 548 -23.59 -20.09 -2.26
CA GLY B 548 -22.85 -18.85 -2.33
C GLY B 548 -21.34 -18.96 -2.26
N ASN B 549 -20.80 -20.14 -1.95
CA ASN B 549 -19.37 -20.36 -1.84
C ASN B 549 -18.68 -20.27 -3.18
N THR B 550 -17.36 -20.09 -3.13
CA THR B 550 -16.53 -20.01 -4.32
C THR B 550 -15.32 -20.91 -4.06
N PHE B 551 -15.19 -22.00 -4.83
CA PHE B 551 -14.09 -22.94 -4.67
C PHE B 551 -13.09 -22.84 -5.83
N TYR B 552 -11.80 -23.02 -5.53
CA TYR B 552 -10.70 -22.95 -6.50
C TYR B 552 -9.94 -24.27 -6.51
N VAL B 553 -10.37 -25.24 -7.34
CA VAL B 553 -9.72 -26.55 -7.35
C VAL B 553 -8.51 -26.52 -8.27
N ASN B 554 -7.50 -27.32 -7.93
CA ASN B 554 -6.40 -27.67 -8.83
C ASN B 554 -6.01 -29.10 -8.51
N GLY B 555 -7.01 -29.98 -8.52
CA GLY B 555 -6.84 -31.40 -8.29
C GLY B 555 -7.93 -31.99 -7.41
N ASN B 556 -8.22 -31.33 -6.30
CA ASN B 556 -8.89 -31.98 -5.19
C ASN B 556 -10.38 -31.63 -5.16
N ARG B 557 -11.14 -32.49 -4.47
CA ARG B 557 -12.59 -32.36 -4.37
C ARG B 557 -13.00 -31.06 -3.69
N VAL B 558 -14.25 -30.66 -3.88
CA VAL B 558 -14.88 -29.62 -3.09
C VAL B 558 -15.69 -30.22 -1.94
N LEU B 559 -16.47 -31.27 -2.21
CA LEU B 559 -17.31 -31.91 -1.19
C LEU B 559 -16.96 -33.40 -1.12
N ASN B 560 -16.82 -33.91 0.11
CA ASN B 560 -16.77 -35.34 0.40
C ASN B 560 -17.72 -35.59 1.56
N ALA B 561 -18.56 -36.61 1.45
CA ALA B 561 -19.72 -36.73 2.33
C ALA B 561 -19.99 -38.16 2.78
N LYS B 562 -20.20 -38.36 4.08
CA LYS B 562 -20.57 -39.67 4.62
C LYS B 562 -21.74 -39.52 5.59
N SER B 563 -22.85 -40.18 5.28
CA SER B 563 -24.09 -40.14 6.07
C SER B 563 -24.54 -38.71 6.38
N VAL B 564 -25.05 -38.04 5.35
CA VAL B 564 -25.69 -36.73 5.49
C VAL B 564 -27.04 -36.76 4.79
N SER B 565 -28.13 -36.71 5.56
CA SER B 565 -29.46 -36.61 4.99
C SER B 565 -29.82 -35.15 4.70
N ASP B 566 -30.66 -34.95 3.68
CA ASP B 566 -31.10 -33.63 3.23
C ASP B 566 -29.92 -32.69 3.06
N LEU B 567 -29.03 -33.08 2.15
CA LEU B 567 -27.81 -32.35 1.83
C LEU B 567 -28.03 -31.59 0.53
N THR B 568 -27.57 -30.34 0.48
CA THR B 568 -27.86 -29.47 -0.66
C THR B 568 -26.62 -28.68 -1.03
N PHE B 569 -26.45 -28.45 -2.34
CA PHE B 569 -25.29 -27.78 -2.93
C PHE B 569 -25.82 -26.95 -4.09
N ARG B 570 -25.92 -25.65 -3.91
CA ARG B 570 -26.57 -24.82 -4.91
C ARG B 570 -25.82 -23.49 -5.00
N ASP B 571 -25.64 -23.01 -6.22
CA ASP B 571 -25.18 -21.64 -6.44
C ASP B 571 -23.82 -21.38 -5.79
N ASN B 572 -22.93 -22.36 -5.90
CA ASN B 572 -21.51 -22.16 -5.68
C ASN B 572 -20.86 -21.86 -7.02
N LYS B 573 -19.54 -21.72 -7.05
CA LYS B 573 -18.81 -21.64 -8.31
C LYS B 573 -17.45 -22.28 -8.13
N ILE B 574 -17.04 -23.08 -9.11
CA ILE B 574 -15.83 -23.89 -8.99
C ILE B 574 -14.87 -23.45 -10.09
N TYR B 575 -13.80 -22.74 -9.74
CA TYR B 575 -12.82 -22.24 -10.69
C TYR B 575 -11.53 -23.03 -10.62
N ARG B 576 -10.74 -22.96 -11.69
CA ARG B 576 -9.41 -23.54 -11.72
C ARG B 576 -8.39 -22.52 -11.24
N GLU B 577 -7.22 -23.01 -10.81
CA GLU B 577 -6.24 -22.14 -10.17
C GLU B 577 -5.10 -21.71 -11.10
N ASN B 578 -4.50 -22.65 -11.83
CA ASN B 578 -3.37 -22.30 -12.70
C ASN B 578 -3.52 -22.89 -14.09
N PRO B 579 -3.13 -22.13 -15.13
CA PRO B 579 -3.06 -22.61 -16.52
C PRO B 579 -1.69 -23.19 -16.87
N GLN B 609 -8.30 -37.13 -19.98
CA GLN B 609 -6.91 -36.94 -20.37
C GLN B 609 -6.24 -35.85 -19.54
N VAL B 610 -6.85 -35.57 -18.38
CA VAL B 610 -6.28 -34.73 -17.32
C VAL B 610 -6.72 -35.33 -16.00
N SER B 611 -5.77 -35.80 -15.19
CA SER B 611 -6.10 -36.56 -14.00
C SER B 611 -6.64 -35.62 -12.91
N GLY B 612 -6.71 -36.14 -11.71
CA GLY B 612 -7.36 -35.45 -10.61
C GLY B 612 -8.58 -36.22 -10.14
N SER B 613 -9.29 -35.61 -9.21
CA SER B 613 -10.44 -36.25 -8.58
C SER B 613 -11.72 -35.57 -9.05
N ARG B 614 -12.82 -36.32 -8.91
CA ARG B 614 -14.11 -35.74 -9.18
C ARG B 614 -14.37 -34.64 -8.18
N LEU B 615 -15.23 -33.69 -8.57
CA LEU B 615 -15.52 -32.57 -7.67
C LEU B 615 -16.38 -32.99 -6.49
N PHE B 616 -17.04 -34.15 -6.54
CA PHE B 616 -17.98 -34.52 -5.51
C PHE B 616 -17.82 -35.99 -5.13
N ARG B 617 -18.14 -36.29 -3.88
CA ARG B 617 -18.23 -37.65 -3.37
C ARG B 617 -19.39 -37.75 -2.40
N LEU B 618 -20.10 -38.88 -2.46
CA LEU B 618 -21.19 -39.17 -1.55
C LEU B 618 -20.98 -40.59 -1.04
N ASN B 619 -21.04 -40.75 0.30
CA ASN B 619 -20.80 -42.05 0.94
C ASN B 619 -22.02 -42.37 1.80
N GLY B 620 -23.06 -42.93 1.18
CA GLY B 620 -24.20 -43.41 1.94
C GLY B 620 -25.10 -42.34 2.50
N CYS B 621 -25.45 -41.33 1.69
CA CYS B 621 -26.30 -40.20 2.04
C CYS B 621 -27.73 -40.39 1.50
N LYS B 622 -28.60 -39.41 1.82
CA LYS B 622 -30.01 -39.44 1.45
C LYS B 622 -30.49 -38.03 1.18
N GLN B 623 -31.31 -37.86 0.14
CA GLN B 623 -32.00 -36.60 -0.18
C GLN B 623 -31.05 -35.51 -0.67
N VAL B 624 -30.03 -35.91 -1.43
CA VAL B 624 -29.00 -35.00 -1.94
C VAL B 624 -29.59 -34.17 -3.07
N VAL B 625 -29.12 -32.93 -3.20
CA VAL B 625 -29.72 -31.96 -4.13
C VAL B 625 -28.63 -31.09 -4.75
N PHE B 626 -28.49 -31.14 -6.08
CA PHE B 626 -27.53 -30.31 -6.82
C PHE B 626 -28.27 -29.34 -7.75
N GLY B 627 -27.79 -28.10 -7.84
CA GLY B 627 -28.43 -27.17 -8.76
C GLY B 627 -28.14 -25.68 -8.61
N GLY B 628 -27.17 -25.18 -9.37
CA GLY B 628 -26.94 -23.76 -9.45
C GLY B 628 -25.52 -23.33 -9.67
N ASN B 629 -24.65 -24.24 -10.11
CA ASN B 629 -23.21 -24.09 -9.90
C ASN B 629 -22.44 -23.79 -11.18
N THR B 630 -21.51 -22.83 -11.05
CA THR B 630 -20.60 -22.38 -12.13
C THR B 630 -19.36 -23.26 -12.17
N TYR B 631 -19.28 -24.15 -13.16
CA TYR B 631 -18.12 -25.02 -13.33
C TYR B 631 -17.20 -24.45 -14.38
N ASP B 632 -15.94 -24.24 -14.01
CA ASP B 632 -14.94 -23.76 -14.93
C ASP B 632 -14.53 -24.87 -15.90
N VAL B 633 -13.98 -24.46 -17.04
CA VAL B 633 -13.65 -25.42 -18.07
C VAL B 633 -12.53 -26.33 -17.58
N GLY B 634 -12.75 -27.63 -17.71
CA GLY B 634 -11.68 -28.57 -17.39
C GLY B 634 -11.57 -28.90 -15.93
N VAL B 635 -12.70 -28.88 -15.20
CA VAL B 635 -12.81 -29.47 -13.89
C VAL B 635 -13.82 -30.61 -13.98
N LYS B 636 -13.53 -31.73 -13.32
CA LYS B 636 -14.37 -32.91 -13.43
C LYS B 636 -15.63 -32.68 -12.63
N ALA B 637 -16.72 -32.28 -13.30
CA ALA B 637 -17.99 -31.99 -12.64
C ALA B 637 -18.82 -33.27 -12.51
N GLY B 638 -18.31 -34.19 -11.68
CA GLY B 638 -18.99 -35.44 -11.43
C GLY B 638 -18.99 -35.81 -9.96
N ILE B 639 -19.73 -36.86 -9.65
CA ILE B 639 -19.95 -37.35 -8.30
C ILE B 639 -19.49 -38.79 -8.23
N ASP B 640 -18.67 -39.11 -7.23
CA ASP B 640 -18.33 -40.50 -6.90
C ASP B 640 -19.37 -41.00 -5.90
N LEU B 641 -19.91 -42.19 -6.13
CA LEU B 641 -20.84 -42.77 -5.16
C LEU B 641 -20.17 -43.93 -4.44
N ALA B 642 -20.72 -44.23 -3.27
CA ALA B 642 -20.20 -45.24 -2.36
C ALA B 642 -21.25 -45.54 -1.30
N ASN B 643 -21.70 -46.79 -1.22
CA ASN B 643 -22.68 -47.23 -0.22
C ASN B 643 -24.01 -46.50 -0.35
N MET B 644 -24.42 -46.14 -1.57
CA MET B 644 -25.72 -45.52 -1.77
C MET B 644 -26.10 -45.65 -3.24
N GLY B 645 -27.38 -45.38 -3.52
CA GLY B 645 -27.89 -45.37 -4.88
C GLY B 645 -28.07 -43.95 -5.42
N ALA B 646 -28.00 -43.83 -6.75
CA ALA B 646 -28.23 -42.54 -7.37
C ALA B 646 -29.69 -42.11 -7.33
N SER B 647 -30.57 -42.91 -6.73
CA SER B 647 -31.95 -42.47 -6.55
C SER B 647 -32.05 -41.30 -5.58
N GLU B 648 -31.01 -41.09 -4.76
CA GLU B 648 -31.01 -40.06 -3.73
C GLU B 648 -30.37 -38.77 -4.20
N VAL B 649 -29.68 -38.78 -5.34
CA VAL B 649 -28.94 -37.64 -5.83
C VAL B 649 -29.71 -37.03 -6.99
N ASN B 650 -29.94 -35.73 -6.93
CA ASN B 650 -30.81 -35.02 -7.87
C ASN B 650 -29.97 -34.01 -8.62
N VAL B 651 -29.18 -34.48 -9.59
CA VAL B 651 -28.40 -33.54 -10.39
C VAL B 651 -29.24 -33.09 -11.58
N SER B 652 -30.57 -33.13 -11.43
CA SER B 652 -31.47 -32.69 -12.50
C SER B 652 -31.34 -31.20 -12.75
N ASP B 653 -31.06 -30.42 -11.71
CA ASP B 653 -30.97 -28.98 -11.83
C ASP B 653 -29.54 -28.49 -12.00
N ASP B 654 -28.61 -29.39 -12.31
CA ASP B 654 -27.19 -29.09 -12.24
C ASP B 654 -26.45 -29.80 -13.36
N SER B 655 -25.28 -29.26 -13.71
CA SER B 655 -24.47 -29.80 -14.78
C SER B 655 -23.51 -30.89 -14.32
N ALA B 656 -23.58 -31.31 -13.06
CA ALA B 656 -22.79 -32.42 -12.60
C ALA B 656 -23.45 -33.72 -13.00
N LYS B 657 -22.65 -34.77 -13.15
CA LYS B 657 -23.17 -36.08 -13.50
C LYS B 657 -22.95 -37.06 -12.35
N VAL B 658 -23.92 -37.95 -12.15
CA VAL B 658 -23.84 -39.01 -11.14
C VAL B 658 -23.14 -40.20 -11.80
N GLY B 659 -21.94 -40.49 -11.35
CA GLY B 659 -21.24 -41.65 -11.85
C GLY B 659 -20.32 -41.40 -13.03
N ALA B 660 -20.28 -40.18 -13.55
CA ALA B 660 -19.40 -39.80 -14.65
C ALA B 660 -18.47 -38.68 -14.19
N ASP B 661 -17.39 -38.49 -14.95
CA ASP B 661 -16.45 -37.42 -14.59
C ASP B 661 -17.08 -36.04 -14.81
N GLY B 662 -17.79 -35.84 -15.92
CA GLY B 662 -18.47 -34.58 -16.14
C GLY B 662 -17.59 -33.40 -16.48
N LEU B 663 -16.35 -33.65 -16.96
CA LEU B 663 -15.42 -32.58 -17.36
C LEU B 663 -16.08 -31.66 -18.38
N VAL B 664 -15.63 -30.40 -18.41
CA VAL B 664 -16.38 -29.30 -19.03
C VAL B 664 -15.64 -28.75 -20.25
N PRO B 665 -16.35 -28.33 -21.33
CA PRO B 665 -15.79 -27.69 -22.54
C PRO B 665 -15.24 -26.27 -22.38
C1 GLA C . 4.19 23.67 -23.11
C2 GLA C . 5.29 24.58 -23.66
C3 GLA C . 5.94 23.97 -24.91
C4 GLA C . 6.37 22.53 -24.62
C5 GLA C . 5.16 21.74 -24.17
C6 GLA C . 5.48 20.28 -23.90
O1 GLA C . 3.00 23.79 -23.84
O2 GLA C . 4.75 25.86 -23.93
O3 GLA C . 7.02 24.79 -25.28
O4 GLA C . 7.40 22.58 -23.66
O5 GLA C . 4.63 22.34 -22.99
O6 GLA C . 6.60 19.84 -24.64
C1 EDO D . -5.40 42.17 -5.36
O1 EDO D . -4.05 42.44 -5.63
C2 EDO D . -6.14 43.41 -4.93
O2 EDO D . -7.42 43.08 -4.47
C1 EDO E . -8.21 28.98 -3.93
O1 EDO E . -7.17 28.31 -3.24
C2 EDO E . -9.37 29.28 -3.02
O2 EDO E . -9.69 28.13 -2.27
C1 EDO F . 12.15 48.29 -30.09
O1 EDO F . 12.89 47.88 -31.21
C2 EDO F . 10.90 48.98 -30.55
O2 EDO F . 11.17 50.34 -30.70
O1 MES G . 12.12 -17.40 10.33
C2 MES G . 12.67 -18.52 9.71
C3 MES G . 13.14 -18.21 8.31
N4 MES G . 12.00 -17.60 7.54
C5 MES G . 11.41 -16.45 8.26
C6 MES G . 11.01 -16.87 9.65
C7 MES G . 12.45 -17.20 6.17
C8 MES G . 11.56 -17.75 5.08
S MES G . 9.93 -16.98 5.08
O1S MES G . 9.33 -17.31 3.77
O2S MES G . 10.24 -15.55 5.23
O3S MES G . 9.21 -17.63 6.19
C1 GLA H . -6.65 -32.10 17.13
C2 GLA H . -6.70 -31.97 18.65
C3 GLA H . -7.15 -33.26 19.31
C4 GLA H . -8.46 -33.79 18.74
C5 GLA H . -8.26 -33.92 17.23
C6 GLA H . -9.54 -34.33 16.54
O1 GLA H . -5.50 -32.78 16.76
O2 GLA H . -5.40 -31.64 19.04
O3 GLA H . -7.18 -33.05 20.72
O4 GLA H . -9.52 -32.93 19.08
O5 GLA H . -7.84 -32.70 16.66
O6 GLA H . -9.29 -34.62 15.18
#